data_2B1C
# 
_entry.id   2B1C 
# 
_audit_conform.dict_name       mmcif_pdbx.dic 
_audit_conform.dict_version    5.376 
_audit_conform.dict_location   http://mmcif.pdb.org/dictionaries/ascii/mmcif_pdbx.dic 
# 
loop_
_database_2.database_id 
_database_2.database_code 
_database_2.pdbx_database_accession 
_database_2.pdbx_DOI 
PDB   2B1C         pdb_00002b1c 10.2210/pdb2b1c/pdb 
NDB   AD0059       ?            ?                   
RCSB  RCSB034552   ?            ?                   
WWPDB D_1000034552 ?            ?                   
# 
loop_
_pdbx_database_related.db_name 
_pdbx_database_related.db_id 
_pdbx_database_related.details 
_pdbx_database_related.content_type 
PDB 2B1B 
;5'-D(*GP*CP*GP*TP*GP*GP*GP*CP*AP*C)-3' Zif268 binding site
;
unspecified 
PDB 2B1D 
;5'-D(*GP*CP*AP*GP*AP*CP*GP*TP*CP*TP*GP*C)-3' Methionine Repressor binding site
;
unspecified 
# 
_pdbx_database_status.entry_id                        2B1C 
_pdbx_database_status.deposit_site                    RCSB 
_pdbx_database_status.process_site                    RCSB 
_pdbx_database_status.recvd_initial_deposition_date   2005-09-15 
_pdbx_database_status.status_code                     REL 
_pdbx_database_status.status_code_sf                  REL 
_pdbx_database_status.status_code_mr                  ? 
_pdbx_database_status.SG_entry                        ? 
_pdbx_database_status.pdb_format_compatible           Y 
_pdbx_database_status.status_code_cs                  ? 
_pdbx_database_status.methods_development_category    ? 
_pdbx_database_status.status_code_nmr_data            ? 
# 
loop_
_audit_author.name 
_audit_author.pdbx_ordinal 
'Berman, H.M.' 1 
'Napoli, A.A.' 2 
# 
_citation.id                        primary 
_citation.title                     'Signatures of protein-DNA recognition in free DNA binding sites.' 
_citation.journal_abbrev            J.Mol.Biol. 
_citation.journal_volume            386 
_citation.page_first                1054 
_citation.page_last                 1065 
_citation.year                      2009 
_citation.journal_id_ASTM           JMOBAK 
_citation.country                   UK 
_citation.journal_id_ISSN           0022-2836 
_citation.journal_id_CSD            0070 
_citation.book_publisher            ? 
_citation.pdbx_database_id_PubMed   19244617 
_citation.pdbx_database_id_DOI      ? 
# 
loop_
_citation_author.citation_id 
_citation_author.name 
_citation_author.ordinal 
_citation_author.identifier_ORCID 
primary 'Locasale, J.W.' 1 ? 
primary 'Napoli, A.A.'   2 ? 
primary 'Chen, S.'       3 ? 
primary 'Berman, H.M.'   4 ? 
primary 'Lawson, C.L.'   5 ? 
# 
_cell.length_a           38.482 
_cell.length_b           38.482 
_cell.length_c           78.225 
_cell.angle_alpha        90.00 
_cell.angle_beta         90.00 
_cell.angle_gamma        120.00 
_cell.entry_id           2B1C 
_cell.pdbx_unique_axis   ? 
_cell.Z_PDB              12 
# 
_symmetry.space_group_name_H-M             'P 61 2 2' 
_symmetry.entry_id                         2B1C 
_symmetry.pdbx_full_space_group_name_H-M   ? 
_symmetry.Int_Tables_number                178 
_symmetry.cell_setting                     ? 
_symmetry.space_group_name_Hall            ? 
# 
loop_
_entity.id 
_entity.type 
_entity.src_method 
_entity.pdbx_description 
_entity.formula_weight 
_entity.pdbx_number_of_molecules 
_entity.pdbx_ec 
_entity.pdbx_mutation 
_entity.pdbx_fragment 
_entity.details 
1 polymer     syn "5'-D(*GP*CP*GP*TP*GP*GP*GP*AP*CP*C)-3'" 3086.017 1  ? ? ? ? 
2 polymer     syn "5'-D(*GP*GP*TP*CP*CP*CP*AP*CP*GP*C)-3'" 3005.969 1  ? ? ? ? 
3 non-polymer syn 'MAGNESIUM ION'                          24.305   1  ? ? ? ? 
4 water       nat water                                    18.015   20 ? ? ? ? 
# 
loop_
_entity_poly.entity_id 
_entity_poly.type 
_entity_poly.nstd_linkage 
_entity_poly.nstd_monomer 
_entity_poly.pdbx_seq_one_letter_code 
_entity_poly.pdbx_seq_one_letter_code_can 
_entity_poly.pdbx_strand_id 
_entity_poly.pdbx_target_identifier 
1 polydeoxyribonucleotide no no '(DG)(DC)(DG)(DT)(DG)(DG)(DG)(DA)(DC)(DC)' GCGTGGGACC A ? 
2 polydeoxyribonucleotide no no '(DG)(DG)(DT)(DC)(DC)(DC)(DA)(DC)(DG)(DC)' GGTCCCACGC B ? 
# 
loop_
_entity_poly_seq.entity_id 
_entity_poly_seq.num 
_entity_poly_seq.mon_id 
_entity_poly_seq.hetero 
1 1  DG n 
1 2  DC n 
1 3  DG n 
1 4  DT n 
1 5  DG n 
1 6  DG n 
1 7  DG n 
1 8  DA n 
1 9  DC n 
1 10 DC n 
2 1  DG n 
2 2  DG n 
2 3  DT n 
2 4  DC n 
2 5  DC n 
2 6  DC n 
2 7  DA n 
2 8  DC n 
2 9  DG n 
2 10 DC n 
# 
loop_
_struct_ref.id 
_struct_ref.entity_id 
_struct_ref.db_name 
_struct_ref.db_code 
_struct_ref.pdbx_db_accession 
_struct_ref.pdbx_db_isoform 
_struct_ref.pdbx_seq_one_letter_code 
_struct_ref.pdbx_align_begin 
1 1 PDB 2B1C 2B1C ? ? ? 
2 2 PDB 2B1C 2B1C ? ? ? 
# 
loop_
_struct_ref_seq.align_id 
_struct_ref_seq.ref_id 
_struct_ref_seq.pdbx_PDB_id_code 
_struct_ref_seq.pdbx_strand_id 
_struct_ref_seq.seq_align_beg 
_struct_ref_seq.pdbx_seq_align_beg_ins_code 
_struct_ref_seq.seq_align_end 
_struct_ref_seq.pdbx_seq_align_end_ins_code 
_struct_ref_seq.pdbx_db_accession 
_struct_ref_seq.db_align_beg 
_struct_ref_seq.pdbx_db_align_beg_ins_code 
_struct_ref_seq.db_align_end 
_struct_ref_seq.pdbx_db_align_end_ins_code 
_struct_ref_seq.pdbx_auth_seq_align_beg 
_struct_ref_seq.pdbx_auth_seq_align_end 
1 1 2B1C A 1 ? 10 ? 2B1C 1  ? 10 ? 1  10 
2 2 2B1C B 1 ? 10 ? 2B1C 11 ? 20 ? 11 20 
# 
loop_
_chem_comp.id 
_chem_comp.type 
_chem_comp.mon_nstd_flag 
_chem_comp.name 
_chem_comp.pdbx_synonyms 
_chem_comp.formula 
_chem_comp.formula_weight 
DA  'DNA linking' y "2'-DEOXYADENOSINE-5'-MONOPHOSPHATE" ? 'C10 H14 N5 O6 P' 331.222 
DC  'DNA linking' y "2'-DEOXYCYTIDINE-5'-MONOPHOSPHATE"  ? 'C9 H14 N3 O7 P'  307.197 
DG  'DNA linking' y "2'-DEOXYGUANOSINE-5'-MONOPHOSPHATE" ? 'C10 H14 N5 O7 P' 347.221 
DT  'DNA linking' y "THYMIDINE-5'-MONOPHOSPHATE"         ? 'C10 H15 N2 O8 P' 322.208 
HOH non-polymer   . WATER                                ? 'H2 O'            18.015  
MG  non-polymer   . 'MAGNESIUM ION'                      ? 'Mg 2'            24.305  
# 
_exptl.entry_id          2B1C 
_exptl.method            'X-RAY DIFFRACTION' 
_exptl.crystals_number   1 
# 
_exptl_crystal.id                    1 
_exptl_crystal.density_meas          ? 
_exptl_crystal.density_Matthews      2.60 
_exptl_crystal.density_percent_sol   52.00 
_exptl_crystal.description           ? 
_exptl_crystal.F_000                 ? 
_exptl_crystal.preparation           ? 
# 
_exptl_crystal_grow.crystal_id      1 
_exptl_crystal_grow.method          ? 
_exptl_crystal_grow.temp            295 
_exptl_crystal_grow.temp_details    ? 
_exptl_crystal_grow.pH              5.50 
_exptl_crystal_grow.pdbx_details    
;MPD, sodium cacodylate, cobalt hexamine, sodium chloride, potassium chloride, vapor diffusion, hanging drop, temperature 295K, pH 5.50
;
_exptl_crystal_grow.pdbx_pH_range   . 
# 
loop_
_exptl_crystal_grow_comp.crystal_id 
_exptl_crystal_grow_comp.id 
_exptl_crystal_grow_comp.sol_id 
_exptl_crystal_grow_comp.name 
_exptl_crystal_grow_comp.conc 
_exptl_crystal_grow_comp.volume 
_exptl_crystal_grow_comp.details 
1 1  1 MPD                  ? ? ? 
1 2  1 'sodium cacodylate'  ? ? ? 
1 3  1 'cobalt hexamine'    ? ? ? 
1 4  1 'sodium chloride'    ? ? ? 
1 5  1 'potassium chloride' ? ? ? 
1 6  1 H2O                  ? ? ? 
1 7  2 MPD                  ? ? ? 
1 8  2 'sodium cacodylate'  ? ? ? 
1 9  2 'cobalt hexamine'    ? ? ? 
1 10 2 'sodium chloride'    ? ? ? 
1 11 2 'potassium chloride' ? ? ? 
1 12 2 H2O                  ? ? ? 
# 
_diffrn.id                     1 
_diffrn.ambient_temp           100.0 
_diffrn.ambient_temp_details   ? 
_diffrn.crystal_id             1 
# 
_diffrn_detector.diffrn_id              1 
_diffrn_detector.detector               CCD 
_diffrn_detector.type                   'ADSC QUANTUM 4' 
_diffrn_detector.pdbx_collection_date   2001-03-13 
_diffrn_detector.details                ? 
# 
_diffrn_radiation.diffrn_id                        1 
_diffrn_radiation.wavelength_id                    1 
_diffrn_radiation.pdbx_monochromatic_or_laue_m_l   M 
_diffrn_radiation.monochromator                    ? 
_diffrn_radiation.pdbx_diffrn_protocol             'SINGLE WAVELENGTH' 
_diffrn_radiation.pdbx_scattering_type             x-ray 
# 
_diffrn_radiation_wavelength.id           1 
_diffrn_radiation_wavelength.wavelength   1.00670 
_diffrn_radiation_wavelength.wt           1.0 
# 
_diffrn_source.diffrn_id                   1 
_diffrn_source.source                      SYNCHROTRON 
_diffrn_source.type                        'NSLS BEAMLINE X12C' 
_diffrn_source.pdbx_synchrotron_site       NSLS 
_diffrn_source.pdbx_synchrotron_beamline   X12C 
_diffrn_source.pdbx_wavelength             1.00670 
_diffrn_source.pdbx_wavelength_list        ? 
# 
_reflns.entry_id                     2B1C 
_reflns.observed_criterion_sigma_I   0.000 
_reflns.observed_criterion_sigma_F   ? 
_reflns.d_resolution_low             50.000 
_reflns.d_resolution_high            2.200 
_reflns.number_obs                   1752 
_reflns.number_all                   ? 
_reflns.percent_possible_obs         85.5 
_reflns.pdbx_Rmerge_I_obs            0.076 
_reflns.pdbx_Rsym_value              ? 
_reflns.pdbx_netI_over_sigmaI        16.3000 
_reflns.B_iso_Wilson_estimate        ? 
_reflns.pdbx_redundancy              6.000 
_reflns.R_free_details               ? 
_reflns.pdbx_chi_squared             ? 
_reflns.pdbx_scaling_rejects         ? 
_reflns.pdbx_diffrn_id               1 
_reflns.pdbx_ordinal                 1 
# 
_reflns_shell.d_res_high             2.20 
_reflns_shell.d_res_low              2.28 
_reflns_shell.percent_possible_all   36.2 
_reflns_shell.Rmerge_I_obs           0.189 
_reflns_shell.pdbx_Rsym_value        ? 
_reflns_shell.meanI_over_sigI_obs    4.900 
_reflns_shell.pdbx_redundancy        ? 
_reflns_shell.percent_possible_obs   ? 
_reflns_shell.number_unique_all      ? 
_reflns_shell.number_measured_all    ? 
_reflns_shell.number_measured_obs    ? 
_reflns_shell.number_unique_obs      ? 
_reflns_shell.pdbx_chi_squared       ? 
_reflns_shell.pdbx_diffrn_id         ? 
_reflns_shell.pdbx_ordinal           1 
# 
_refine.entry_id                                 2B1C 
_refine.ls_number_reflns_obs                     1749 
_refine.ls_number_reflns_all                     1752 
_refine.pdbx_ls_sigma_I                          ? 
_refine.pdbx_ls_sigma_F                          0.000 
_refine.pdbx_data_cutoff_high_absF               ? 
_refine.pdbx_data_cutoff_low_absF                ? 
_refine.pdbx_data_cutoff_high_rms_absF           ? 
_refine.ls_d_res_low                             30.70 
_refine.ls_d_res_high                            2.20 
_refine.ls_percent_reflns_obs                    87.1 
_refine.ls_R_factor_obs                          0.234 
_refine.ls_R_factor_all                          ? 
_refine.ls_R_factor_R_work                       0.234 
_refine.ls_R_factor_R_free                       0.286 
_refine.ls_R_factor_R_free_error                 ? 
_refine.ls_R_factor_R_free_error_details         ? 
_refine.ls_percent_reflns_R_free                 8.200 
_refine.ls_number_reflns_R_free                  165 
_refine.ls_number_parameters                     ? 
_refine.ls_number_restraints                     ? 
_refine.occupancy_min                            ? 
_refine.occupancy_max                            ? 
_refine.correlation_coeff_Fo_to_Fc               ? 
_refine.correlation_coeff_Fo_to_Fc_free          ? 
_refine.B_iso_mean                               22.62 
_refine.aniso_B[1][1]                            -4.92800 
_refine.aniso_B[2][2]                            -4.92800 
_refine.aniso_B[3][3]                            9.85600 
_refine.aniso_B[1][2]                            -13.08200 
_refine.aniso_B[1][3]                            0.00000 
_refine.aniso_B[2][3]                            0.00000 
_refine.solvent_model_details                    ? 
_refine.solvent_model_param_ksol                 ? 
_refine.solvent_model_param_bsol                 199.44 
_refine.pdbx_solvent_vdw_probe_radii             ? 
_refine.pdbx_solvent_ion_probe_radii             ? 
_refine.pdbx_solvent_shrinkage_radii             ? 
_refine.pdbx_ls_cross_valid_method               THROUGHOUT 
_refine.details                                  ? 
_refine.pdbx_starting_model                      'PDB ENTRY 401D' 
_refine.pdbx_method_to_determine_struct          'MOLECULAR REPLACEMENT' 
_refine.pdbx_isotropic_thermal_model             ? 
_refine.pdbx_stereochemistry_target_values       'ENGH & HUBER' 
_refine.pdbx_stereochem_target_val_spec_case     ? 
_refine.pdbx_R_Free_selection_details            RANDOM 
_refine.pdbx_overall_ESU_R                       ? 
_refine.pdbx_overall_ESU_R_Free                  ? 
_refine.overall_SU_ML                            ? 
_refine.overall_SU_B                             ? 
_refine.ls_redundancy_reflns_obs                 ? 
_refine.overall_SU_R_Cruickshank_DPI             ? 
_refine.overall_SU_R_free                        ? 
_refine.ls_wR_factor_R_free                      ? 
_refine.ls_wR_factor_R_work                      ? 
_refine.overall_FOM_free_R_set                   ? 
_refine.overall_FOM_work_R_set                   ? 
_refine.pdbx_refine_id                           'X-RAY DIFFRACTION' 
_refine.pdbx_diffrn_id                           1 
_refine.pdbx_TLS_residual_ADP_flag               ? 
_refine.pdbx_overall_phase_error                 ? 
_refine.pdbx_overall_SU_R_free_Cruickshank_DPI   ? 
_refine.pdbx_overall_SU_R_Blow_DPI               ? 
_refine.pdbx_overall_SU_R_free_Blow_DPI          ? 
# 
_refine_analyze.entry_id                        2B1C 
_refine_analyze.Luzzati_coordinate_error_obs    0.47 
_refine_analyze.Luzzati_sigma_a_obs             0.38 
_refine_analyze.Luzzati_d_res_low_obs           5.0 
_refine_analyze.Luzzati_coordinate_error_free   0.47 
_refine_analyze.Luzzati_sigma_a_free            0.34 
_refine_analyze.Luzzati_d_res_low_free          ? 
_refine_analyze.number_disordered_residues      ? 
_refine_analyze.occupancy_sum_hydrogen          ? 
_refine_analyze.occupancy_sum_non_hydrogen      ? 
_refine_analyze.pdbx_refine_id                  'X-RAY DIFFRACTION' 
# 
_refine_hist.pdbx_refine_id                   'X-RAY DIFFRACTION' 
_refine_hist.cycle_id                         LAST 
_refine_hist.pdbx_number_atoms_protein        0 
_refine_hist.pdbx_number_atoms_nucleic_acid   404 
_refine_hist.pdbx_number_atoms_ligand         3 
_refine_hist.number_atoms_solvent             18 
_refine_hist.number_atoms_total               425 
_refine_hist.d_res_high                       2.20 
_refine_hist.d_res_low                        30.70 
# 
loop_
_refine_ls_restr.type 
_refine_ls_restr.dev_ideal 
_refine_ls_restr.dev_ideal_target 
_refine_ls_restr.weight 
_refine_ls_restr.number 
_refine_ls_restr.pdbx_refine_id 
_refine_ls_restr.pdbx_restraint_function 
c_bond_d                0.010 ? ? ? 'X-RAY DIFFRACTION' ? 
c_bond_d_na             ?     ? ? ? 'X-RAY DIFFRACTION' ? 
c_bond_d_prot           ?     ? ? ? 'X-RAY DIFFRACTION' ? 
c_angle_d               ?     ? ? ? 'X-RAY DIFFRACTION' ? 
c_angle_d_na            ?     ? ? ? 'X-RAY DIFFRACTION' ? 
c_angle_d_prot          ?     ? ? ? 'X-RAY DIFFRACTION' ? 
c_angle_deg             1.40  ? ? ? 'X-RAY DIFFRACTION' ? 
c_angle_deg_na          ?     ? ? ? 'X-RAY DIFFRACTION' ? 
c_angle_deg_prot        ?     ? ? ? 'X-RAY DIFFRACTION' ? 
c_dihedral_angle_d      10.90 ? ? ? 'X-RAY DIFFRACTION' ? 
c_dihedral_angle_d_na   ?     ? ? ? 'X-RAY DIFFRACTION' ? 
c_dihedral_angle_d_prot ?     ? ? ? 'X-RAY DIFFRACTION' ? 
c_improper_angle_d      1.90  ? ? ? 'X-RAY DIFFRACTION' ? 
c_improper_angle_d_na   ?     ? ? ? 'X-RAY DIFFRACTION' ? 
c_improper_angle_d_prot ?     ? ? ? 'X-RAY DIFFRACTION' ? 
c_mcbond_it             ?     ? ? ? 'X-RAY DIFFRACTION' ? 
c_mcangle_it            ?     ? ? ? 'X-RAY DIFFRACTION' ? 
c_scbond_it             ?     ? ? ? 'X-RAY DIFFRACTION' ? 
c_scangle_it            ?     ? ? ? 'X-RAY DIFFRACTION' ? 
# 
_refine_ls_shell.pdbx_total_number_of_bins_used   8 
_refine_ls_shell.d_res_high                       2.2 
_refine_ls_shell.d_res_low                        2.3 
_refine_ls_shell.number_reflns_R_work             89 
_refine_ls_shell.R_factor_R_work                  0.4321 
_refine_ls_shell.percent_reflns_obs               41 
_refine_ls_shell.R_factor_R_free                  0.4191 
_refine_ls_shell.R_factor_R_free_error            ? 
_refine_ls_shell.percent_reflns_R_free            10 
_refine_ls_shell.number_reflns_R_free             8 
_refine_ls_shell.redundancy_reflns_obs            ? 
_refine_ls_shell.pdbx_refine_id                   'X-RAY DIFFRACTION' 
_refine_ls_shell.number_reflns_all                ? 
_refine_ls_shell.R_factor_all                     ? 
# 
loop_
_pdbx_xplor_file.serial_no 
_pdbx_xplor_file.param_file 
_pdbx_xplor_file.topol_file 
_pdbx_xplor_file.pdbx_refine_id 
1 DNA-RNA_REP.PARAM          ? 'X-RAY DIFFRACTION' 
2 CNS_TOPPAR:ION.PARAM       ? 'X-RAY DIFFRACTION' 
3 CNS_TOPPAR:WATER_REP.PARAM ? 'X-RAY DIFFRACTION' 
4 MO2.PARAM                  ? 'X-RAY DIFFRACTION' 
# 
_struct.entry_id                  2B1C 
_struct.title                     
;5'-D(*GP*CP*GP*TP*GP*GP*GP*AP*CP*C)-3' Zif268 binding site
;
_struct.pdbx_model_details        ? 
_struct.pdbx_CASP_flag            ? 
_struct.pdbx_model_type_details   ? 
# 
_struct_keywords.text            'sequence dependent DNA deformation, A form DNA, protein-DNA recognition, DNA' 
_struct_keywords.entry_id        2B1C 
_struct_keywords.pdbx_keywords   DNA 
# 
loop_
_struct_asym.id 
_struct_asym.pdbx_blank_PDB_chainid_flag 
_struct_asym.pdbx_modified 
_struct_asym.entity_id 
_struct_asym.details 
A N N 1 ? 
B N N 2 ? 
C N N 3 ? 
D N N 4 ? 
E N N 4 ? 
# 
_struct_biol.id                    1 
_struct_biol.pdbx_parent_biol_id   ? 
_struct_biol.details               ? 
# 
loop_
_struct_conn.id 
_struct_conn.conn_type_id 
_struct_conn.pdbx_leaving_atom_flag 
_struct_conn.pdbx_PDB_id 
_struct_conn.ptnr1_label_asym_id 
_struct_conn.ptnr1_label_comp_id 
_struct_conn.ptnr1_label_seq_id 
_struct_conn.ptnr1_label_atom_id 
_struct_conn.pdbx_ptnr1_label_alt_id 
_struct_conn.pdbx_ptnr1_PDB_ins_code 
_struct_conn.pdbx_ptnr1_standard_comp_id 
_struct_conn.ptnr1_symmetry 
_struct_conn.ptnr2_label_asym_id 
_struct_conn.ptnr2_label_comp_id 
_struct_conn.ptnr2_label_seq_id 
_struct_conn.ptnr2_label_atom_id 
_struct_conn.pdbx_ptnr2_label_alt_id 
_struct_conn.pdbx_ptnr2_PDB_ins_code 
_struct_conn.ptnr1_auth_asym_id 
_struct_conn.ptnr1_auth_comp_id 
_struct_conn.ptnr1_auth_seq_id 
_struct_conn.ptnr2_auth_asym_id 
_struct_conn.ptnr2_auth_comp_id 
_struct_conn.ptnr2_auth_seq_id 
_struct_conn.ptnr2_symmetry 
_struct_conn.pdbx_ptnr3_label_atom_id 
_struct_conn.pdbx_ptnr3_label_seq_id 
_struct_conn.pdbx_ptnr3_label_comp_id 
_struct_conn.pdbx_ptnr3_label_asym_id 
_struct_conn.pdbx_ptnr3_label_alt_id 
_struct_conn.pdbx_ptnr3_PDB_ins_code 
_struct_conn.details 
_struct_conn.pdbx_dist_value 
_struct_conn.pdbx_value_order 
_struct_conn.pdbx_role 
metalc1  metalc ? ? C MG .  MG ? ? ? 1_555 D HOH .  O   ? ? A MG 50 A HOH 59 1_555 ? ? ? ? ? ? ?            2.101 ? ? 
metalc2  metalc ? ? C MG .  MG ? ? ? 1_555 D HOH .  O   ? ? A MG 50 A HOH 60 1_555 ? ? ? ? ? ? ?            1.997 ? ? 
metalc3  metalc ? ? C MG .  MG ? ? ? 1_555 B DG  9  OP1 ? ? A MG 50 B DG  19 5_564 ? ? ? ? ? ? ?            2.932 ? ? 
hydrog1  hydrog ? ? A DG 1  N1 ? ? ? 1_555 B DC  10 N3  ? ? A DG 1  B DC  20 1_555 ? ? ? ? ? ? WATSON-CRICK ?     ? ? 
hydrog2  hydrog ? ? A DG 1  N2 ? ? ? 1_555 B DC  10 O2  ? ? A DG 1  B DC  20 1_555 ? ? ? ? ? ? WATSON-CRICK ?     ? ? 
hydrog3  hydrog ? ? A DG 1  O6 ? ? ? 1_555 B DC  10 N4  ? ? A DG 1  B DC  20 1_555 ? ? ? ? ? ? WATSON-CRICK ?     ? ? 
hydrog4  hydrog ? ? A DC 2  N4 ? ? ? 1_555 B DG  9  O6  ? ? A DC 2  B DG  19 1_555 ? ? ? ? ? ? 'DC-DG PAIR' ?     ? ? 
hydrog5  hydrog ? ? A DG 3  N1 ? ? ? 1_555 B DC  8  N3  ? ? A DG 3  B DC  18 1_555 ? ? ? ? ? ? WATSON-CRICK ?     ? ? 
hydrog6  hydrog ? ? A DG 3  N2 ? ? ? 1_555 B DC  8  O2  ? ? A DG 3  B DC  18 1_555 ? ? ? ? ? ? WATSON-CRICK ?     ? ? 
hydrog7  hydrog ? ? A DG 3  O6 ? ? ? 1_555 B DC  8  N4  ? ? A DG 3  B DC  18 1_555 ? ? ? ? ? ? WATSON-CRICK ?     ? ? 
hydrog8  hydrog ? ? A DT 4  N3 ? ? ? 1_555 B DA  7  N1  ? ? A DT 4  B DA  17 1_555 ? ? ? ? ? ? WATSON-CRICK ?     ? ? 
hydrog9  hydrog ? ? A DT 4  O4 ? ? ? 1_555 B DA  7  N6  ? ? A DT 4  B DA  17 1_555 ? ? ? ? ? ? WATSON-CRICK ?     ? ? 
hydrog10 hydrog ? ? A DG 5  N1 ? ? ? 1_555 B DC  6  N3  ? ? A DG 5  B DC  16 1_555 ? ? ? ? ? ? WATSON-CRICK ?     ? ? 
hydrog11 hydrog ? ? A DG 5  N2 ? ? ? 1_555 B DC  6  O2  ? ? A DG 5  B DC  16 1_555 ? ? ? ? ? ? WATSON-CRICK ?     ? ? 
hydrog12 hydrog ? ? A DG 5  O6 ? ? ? 1_555 B DC  6  N4  ? ? A DG 5  B DC  16 1_555 ? ? ? ? ? ? WATSON-CRICK ?     ? ? 
hydrog13 hydrog ? ? A DG 6  N1 ? ? ? 1_555 B DC  5  N3  ? ? A DG 6  B DC  15 1_555 ? ? ? ? ? ? WATSON-CRICK ?     ? ? 
hydrog14 hydrog ? ? A DG 6  N2 ? ? ? 1_555 B DC  5  O2  ? ? A DG 6  B DC  15 1_555 ? ? ? ? ? ? WATSON-CRICK ?     ? ? 
hydrog15 hydrog ? ? A DG 6  O6 ? ? ? 1_555 B DC  5  N4  ? ? A DG 6  B DC  15 1_555 ? ? ? ? ? ? WATSON-CRICK ?     ? ? 
hydrog16 hydrog ? ? A DG 7  N1 ? ? ? 1_555 B DC  4  N3  ? ? A DG 7  B DC  14 1_555 ? ? ? ? ? ? WATSON-CRICK ?     ? ? 
hydrog17 hydrog ? ? A DG 7  N2 ? ? ? 1_555 B DC  4  O2  ? ? A DG 7  B DC  14 1_555 ? ? ? ? ? ? WATSON-CRICK ?     ? ? 
hydrog18 hydrog ? ? A DG 7  O6 ? ? ? 1_555 B DC  4  N4  ? ? A DG 7  B DC  14 1_555 ? ? ? ? ? ? WATSON-CRICK ?     ? ? 
hydrog19 hydrog ? ? A DA 8  N1 ? ? ? 1_555 B DT  3  N3  ? ? A DA 8  B DT  13 1_555 ? ? ? ? ? ? 'DA-DT PAIR' ?     ? ? 
hydrog20 hydrog ? ? A DC 9  N3 ? ? ? 1_555 B DG  2  N1  ? ? A DC 9  B DG  12 1_555 ? ? ? ? ? ? WATSON-CRICK ?     ? ? 
hydrog21 hydrog ? ? A DC 9  N4 ? ? ? 1_555 B DG  2  O6  ? ? A DC 9  B DG  12 1_555 ? ? ? ? ? ? WATSON-CRICK ?     ? ? 
hydrog22 hydrog ? ? A DC 9  O2 ? ? ? 1_555 B DG  2  N2  ? ? A DC 9  B DG  12 1_555 ? ? ? ? ? ? WATSON-CRICK ?     ? ? 
hydrog23 hydrog ? ? A DC 10 N3 ? ? ? 1_555 B DG  1  N1  ? ? A DC 10 B DG  11 1_555 ? ? ? ? ? ? WATSON-CRICK ?     ? ? 
hydrog24 hydrog ? ? A DC 10 N4 ? ? ? 1_555 B DG  1  O6  ? ? A DC 10 B DG  11 1_555 ? ? ? ? ? ? WATSON-CRICK ?     ? ? 
hydrog25 hydrog ? ? A DC 10 O2 ? ? ? 1_555 B DG  1  N2  ? ? A DC 10 B DG  11 1_555 ? ? ? ? ? ? WATSON-CRICK ?     ? ? 
# 
loop_
_struct_conn_type.id 
_struct_conn_type.criteria 
_struct_conn_type.reference 
metalc ? ? 
hydrog ? ? 
# 
_struct_site.id                   AC1 
_struct_site.pdbx_evidence_code   Software 
_struct_site.pdbx_auth_asym_id    A 
_struct_site.pdbx_auth_comp_id    MG 
_struct_site.pdbx_auth_seq_id     50 
_struct_site.pdbx_auth_ins_code   ? 
_struct_site.pdbx_num_residues    3 
_struct_site.details              'BINDING SITE FOR RESIDUE MG A 50' 
# 
loop_
_struct_site_gen.id 
_struct_site_gen.site_id 
_struct_site_gen.pdbx_num_res 
_struct_site_gen.label_comp_id 
_struct_site_gen.label_asym_id 
_struct_site_gen.label_seq_id 
_struct_site_gen.pdbx_auth_ins_code 
_struct_site_gen.auth_comp_id 
_struct_site_gen.auth_asym_id 
_struct_site_gen.auth_seq_id 
_struct_site_gen.label_atom_id 
_struct_site_gen.label_alt_id 
_struct_site_gen.symmetry 
_struct_site_gen.details 
1 AC1 3 HOH D . ? HOH A 59 . ? 1_555 ? 
2 AC1 3 HOH D . ? HOH A 60 . ? 1_555 ? 
3 AC1 3 DG  B 9 ? DG  B 19 . ? 5_564 ? 
# 
_atom_sites.entry_id                    2B1C 
_atom_sites.fract_transf_matrix[1][1]   -0.02670655 
_atom_sites.fract_transf_matrix[1][2]   -0.00154398 
_atom_sites.fract_transf_matrix[1][3]   -0.01359619 
_atom_sites.fract_transf_matrix[2][1]   -0.00920743 
_atom_sites.fract_transf_matrix[2][2]   -0.02588064 
_atom_sites.fract_transf_matrix[2][3]   -0.01208369 
_atom_sites.fract_transf_matrix[3][1]   -0.00545998 
_atom_sites.fract_transf_matrix[3][2]   -0.00323658 
_atom_sites.fract_transf_matrix[3][3]   0.01109241 
_atom_sites.fract_transf_vector[1]      0.426436 
_atom_sites.fract_transf_vector[2]      0.570770 
_atom_sites.fract_transf_vector[3]      -0.082472 
# 
loop_
_atom_type.symbol 
C  
MG 
N  
O  
P  
# 
loop_
_atom_site.group_PDB 
_atom_site.id 
_atom_site.type_symbol 
_atom_site.label_atom_id 
_atom_site.label_alt_id 
_atom_site.label_comp_id 
_atom_site.label_asym_id 
_atom_site.label_entity_id 
_atom_site.label_seq_id 
_atom_site.pdbx_PDB_ins_code 
_atom_site.Cartn_x 
_atom_site.Cartn_y 
_atom_site.Cartn_z 
_atom_site.occupancy 
_atom_site.B_iso_or_equiv 
_atom_site.pdbx_formal_charge 
_atom_site.auth_seq_id 
_atom_site.auth_comp_id 
_atom_site.auth_asym_id 
_atom_site.auth_atom_id 
_atom_site.pdbx_PDB_model_num 
ATOM   1   O  "O5'" . DG  A 1 1  ? 9.564   -2.178  6.665   0.50 25.75 ? 1  DG  A "O5'" 1 
ATOM   2   C  "C5'" . DG  A 1 1  ? 10.487  -3.245  6.940   0.50 23.97 ? 1  DG  A "C5'" 1 
ATOM   3   C  "C4'" . DG  A 1 1  ? 9.823   -4.385  7.677   0.50 24.46 ? 1  DG  A "C4'" 1 
ATOM   4   O  "O4'" . DG  A 1 1  ? 9.476   -3.986  9.023   0.50 23.23 ? 1  DG  A "O4'" 1 
ATOM   5   C  "C3'" . DG  A 1 1  ? 8.506   -4.818  7.055   0.50 23.94 ? 1  DG  A "C3'" 1 
ATOM   6   O  "O3'" . DG  A 1 1  ? 8.735   -5.740  5.995   0.50 23.87 ? 1  DG  A "O3'" 1 
ATOM   7   C  "C2'" . DG  A 1 1  ? 7.790   -5.460  8.226   0.50 24.23 ? 1  DG  A "C2'" 1 
ATOM   8   C  "C1'" . DG  A 1 1  ? 8.215   -4.568  9.389   0.50 23.74 ? 1  DG  A "C1'" 1 
ATOM   9   N  N9    . DG  A 1 1  ? 7.293   -3.469  9.632   0.50 23.38 ? 1  DG  A N9    1 
ATOM   10  C  C8    . DG  A 1 1  ? 7.509   -2.160  9.292   0.50 22.76 ? 1  DG  A C8    1 
ATOM   11  N  N7    . DG  A 1 1  ? 6.552   -1.370  9.670   0.50 23.31 ? 1  DG  A N7    1 
ATOM   12  C  C5    . DG  A 1 1  ? 5.632   -2.207  10.288  0.50 22.45 ? 1  DG  A C5    1 
ATOM   13  C  C6    . DG  A 1 1  ? 4.393   -1.908  10.893  0.50 22.00 ? 1  DG  A C6    1 
ATOM   14  O  O6    . DG  A 1 1  ? 3.863   -0.808  11.039  0.50 23.75 ? 1  DG  A O6    1 
ATOM   15  N  N1    . DG  A 1 1  ? 3.762   -3.050  11.365  0.50 22.08 ? 1  DG  A N1    1 
ATOM   16  C  C2    . DG  A 1 1  ? 4.264   -4.323  11.281  0.50 21.82 ? 1  DG  A C2    1 
ATOM   17  N  N2    . DG  A 1 1  ? 3.480   -5.301  11.773  0.50 20.10 ? 1  DG  A N2    1 
ATOM   18  N  N3    . DG  A 1 1  ? 5.438   -4.617  10.744  0.50 22.50 ? 1  DG  A N3    1 
ATOM   19  C  C4    . DG  A 1 1  ? 6.065   -3.511  10.262  0.50 23.20 ? 1  DG  A C4    1 
ATOM   20  P  P     . DC  A 1 2  ? 7.849   -5.630  4.660   0.50 24.60 ? 2  DC  A P     1 
ATOM   21  O  OP1   . DC  A 1 2  ? 8.496   -6.374  3.537   0.50 26.30 ? 2  DC  A OP1   1 
ATOM   22  O  OP2   . DC  A 1 2  ? 7.620   -4.179  4.527   0.50 27.61 ? 2  DC  A OP2   1 
ATOM   23  O  "O5'" . DC  A 1 2  ? 6.469   -6.317  5.044   0.50 22.56 ? 2  DC  A "O5'" 1 
ATOM   24  C  "C5'" . DC  A 1 2  ? 6.394   -7.669  5.464   0.50 21.27 ? 2  DC  A "C5'" 1 
ATOM   25  C  "C4'" . DC  A 1 2  ? 5.061   -7.927  6.132   0.50 20.46 ? 2  DC  A "C4'" 1 
ATOM   26  O  "O4'" . DC  A 1 2  ? 4.960   -7.145  7.345   0.50 21.89 ? 2  DC  A "O4'" 1 
ATOM   27  C  "C3'" . DC  A 1 2  ? 3.839   -7.503  5.327   0.50 20.06 ? 2  DC  A "C3'" 1 
ATOM   28  O  "O3'" . DC  A 1 2  ? 3.472   -8.501  4.373   0.50 20.90 ? 2  DC  A "O3'" 1 
ATOM   29  C  "C2'" . DC  A 1 2  ? 2.785   -7.351  6.402   0.50 19.26 ? 2  DC  A "C2'" 1 
ATOM   30  C  "C1'" . DC  A 1 2  ? 3.581   -6.801  7.576   0.50 18.94 ? 2  DC  A "C1'" 1 
ATOM   31  N  N1    . DC  A 1 2  ? 3.494   -5.340  7.752   0.50 18.06 ? 2  DC  A N1    1 
ATOM   32  C  C2    . DC  A 1 2  ? 2.464   -4.817  8.556   0.50 18.82 ? 2  DC  A C2    1 
ATOM   33  O  O2    . DC  A 1 2  ? 1.670   -5.594  9.108   0.50 20.60 ? 2  DC  A O2    1 
ATOM   34  N  N3    . DC  A 1 2  ? 2.370   -3.483  8.719   0.50 18.36 ? 2  DC  A N3    1 
ATOM   35  C  C4    . DC  A 1 2  ? 3.254   -2.667  8.126   0.50 15.24 ? 2  DC  A C4    1 
ATOM   36  N  N4    . DC  A 1 2  ? 3.109   -1.364  8.327   0.50 14.22 ? 2  DC  A N4    1 
ATOM   37  C  C5    . DC  A 1 2  ? 4.313   -3.161  7.315   0.50 14.55 ? 2  DC  A C5    1 
ATOM   38  C  C6    . DC  A 1 2  ? 4.396   -4.497  7.157   0.50 17.85 ? 2  DC  A C6    1 
ATOM   39  P  P     . DG  A 1 3  ? 2.555   -8.089  3.130   0.50 22.24 ? 3  DG  A P     1 
ATOM   40  O  OP1   . DG  A 1 3  ? 2.453   -9.264  2.217   0.50 23.61 ? 3  DG  A OP1   1 
ATOM   41  O  OP2   . DG  A 1 3  ? 3.060   -6.794  2.602   0.50 24.40 ? 3  DG  A OP2   1 
ATOM   42  O  "O5'" . DG  A 1 3  ? 1.141   -7.823  3.812   0.50 23.08 ? 3  DG  A "O5'" 1 
ATOM   43  C  "C5'" . DG  A 1 3  ? 0.341   -8.906  4.280   0.50 21.10 ? 3  DG  A "C5'" 1 
ATOM   44  C  "C4'" . DG  A 1 3  ? -0.902  -8.373  4.945   0.50 22.57 ? 3  DG  A "C4'" 1 
ATOM   45  O  "O4'" . DG  A 1 3  ? -0.485  -7.584  6.068   0.50 23.82 ? 3  DG  A "O4'" 1 
ATOM   46  C  "C3'" . DG  A 1 3  ? -1.748  -7.407  4.121   0.50 23.09 ? 3  DG  A "C3'" 1 
ATOM   47  O  "O3'" . DG  A 1 3  ? -2.653  -8.110  3.284   0.50 22.67 ? 3  DG  A "O3'" 1 
ATOM   48  C  "C2'" . DG  A 1 3  ? -2.494  -6.661  5.203   0.50 23.65 ? 3  DG  A "C2'" 1 
ATOM   49  C  "C1'" . DG  A 1 3  ? -1.411  -6.518  6.272   0.50 24.70 ? 3  DG  A "C1'" 1 
ATOM   50  N  N9    . DG  A 1 3  ? -0.685  -5.256  6.165   0.50 24.62 ? 3  DG  A N9    1 
ATOM   51  C  C8    . DG  A 1 3  ? 0.597   -5.043  5.723   0.50 24.09 ? 3  DG  A C8    1 
ATOM   52  N  N7    . DG  A 1 3  ? 0.947   -3.786  5.768   0.50 24.63 ? 3  DG  A N7    1 
ATOM   53  C  C5    . DG  A 1 3  ? -0.174  -3.139  6.266   0.50 24.15 ? 3  DG  A C5    1 
ATOM   54  C  C6    . DG  A 1 3  ? -0.408  -1.761  6.562   0.50 24.30 ? 3  DG  A C6    1 
ATOM   55  O  O6    . DG  A 1 3  ? 0.350   -0.795  6.444   0.50 26.74 ? 3  DG  A O6    1 
ATOM   56  N  N1    . DG  A 1 3  ? -1.676  -1.557  7.041   0.50 21.58 ? 3  DG  A N1    1 
ATOM   57  C  C2    . DG  A 1 3  ? -2.609  -2.528  7.236   0.50 22.78 ? 3  DG  A C2    1 
ATOM   58  N  N2    . DG  A 1 3  ? -3.772  -2.111  7.739   0.50 21.46 ? 3  DG  A N2    1 
ATOM   59  N  N3    . DG  A 1 3  ? -2.416  -3.805  6.976   0.50 22.66 ? 3  DG  A N3    1 
ATOM   60  C  C4    . DG  A 1 3  ? -1.186  -4.035  6.501   0.50 23.27 ? 3  DG  A C4    1 
ATOM   61  P  P     . DT  A 1 4  ? -3.382  -7.340  2.071   0.50 21.59 ? 4  DT  A P     1 
ATOM   62  O  OP1   . DT  A 1 4  ? -4.015  -8.328  1.158   0.50 21.88 ? 4  DT  A OP1   1 
ATOM   63  O  OP2   . DT  A 1 4  ? -2.442  -6.350  1.514   0.50 23.09 ? 4  DT  A OP2   1 
ATOM   64  O  "O5'" . DT  A 1 4  ? -4.533  -6.518  2.792   0.50 20.46 ? 4  DT  A "O5'" 1 
ATOM   65  C  "C5'" . DT  A 1 4  ? -5.468  -7.137  3.648   0.50 18.54 ? 4  DT  A "C5'" 1 
ATOM   66  C  "C4'" . DT  A 1 4  ? -6.394  -6.088  4.214   0.50 18.09 ? 4  DT  A "C4'" 1 
ATOM   67  O  "O4'" . DT  A 1 4  ? -5.691  -5.303  5.199   0.50 20.94 ? 4  DT  A "O4'" 1 
ATOM   68  C  "C3'" . DT  A 1 4  ? -6.852  -5.059  3.182   0.50 19.27 ? 4  DT  A "C3'" 1 
ATOM   69  O  "O3'" . DT  A 1 4  ? -7.995  -5.501  2.452   0.50 17.66 ? 4  DT  A "O3'" 1 
ATOM   70  C  "C2'" . DT  A 1 4  ? -7.184  -3.854  4.042   0.50 18.89 ? 4  DT  A "C2'" 1 
ATOM   71  C  "C1'" . DT  A 1 4  ? -6.088  -3.925  5.100   0.50 18.42 ? 4  DT  A "C1'" 1 
ATOM   72  N  N1    . DT  A 1 4  ? -4.921  -3.139  4.696   0.50 19.13 ? 4  DT  A N1    1 
ATOM   73  C  C2    . DT  A 1 4  ? -4.968  -1.805  4.980   0.50 18.71 ? 4  DT  A C2    1 
ATOM   74  O  O2    . DT  A 1 4  ? -5.950  -1.277  5.467   0.50 19.39 ? 4  DT  A O2    1 
ATOM   75  N  N3    . DT  A 1 4  ? -3.837  -1.101  4.644   0.50 19.10 ? 4  DT  A N3    1 
ATOM   76  C  C4    . DT  A 1 4  ? -2.713  -1.589  4.012   0.50 19.29 ? 4  DT  A C4    1 
ATOM   77  O  O4    . DT  A 1 4  ? -1.752  -0.844  3.801   0.50 21.83 ? 4  DT  A O4    1 
ATOM   78  C  C5    . DT  A 1 4  ? -2.759  -2.995  3.659   0.50 18.47 ? 4  DT  A C5    1 
ATOM   79  C  C7    . DT  A 1 4  ? -1.629  -3.575  2.859   0.50 13.20 ? 4  DT  A C7    1 
ATOM   80  C  C6    . DT  A 1 4  ? -3.833  -3.704  4.049   0.50 16.62 ? 4  DT  A C6    1 
ATOM   81  P  P     . DG  A 1 5  ? -8.275  -4.913  0.973   0.50 19.41 ? 5  DG  A P     1 
ATOM   82  O  OP1   . DG  A 1 5  ? -9.471  -5.661  0.491   0.50 20.34 ? 5  DG  A OP1   1 
ATOM   83  O  OP2   . DG  A 1 5  ? -7.023  -4.895  0.155   0.50 18.71 ? 5  DG  A OP2   1 
ATOM   84  O  "O5'" . DG  A 1 5  ? -8.676  -3.390  1.217   0.50 17.68 ? 5  DG  A "O5'" 1 
ATOM   85  C  "C5'" . DG  A 1 5  ? -10.004 -3.026  1.556   0.50 15.74 ? 5  DG  A "C5'" 1 
ATOM   86  C  "C4'" . DG  A 1 5  ? -10.122 -1.523  1.697   0.50 16.23 ? 5  DG  A "C4'" 1 
ATOM   87  O  "O4'" . DG  A 1 5  ? -9.273  -1.054  2.770   0.50 17.52 ? 5  DG  A "O4'" 1 
ATOM   88  C  "C3'" . DG  A 1 5  ? -9.699  -0.687  0.497   0.50 15.68 ? 5  DG  A "C3'" 1 
ATOM   89  O  "O3'" . DG  A 1 5  ? -10.765 -0.623  -0.457  0.50 15.07 ? 5  DG  A "O3'" 1 
ATOM   90  C  "C2'" . DG  A 1 5  ? -9.474  0.659   1.156   0.50 16.56 ? 5  DG  A "C2'" 1 
ATOM   91  C  "C1'" . DG  A 1 5  ? -8.784  0.238   2.449   0.50 18.12 ? 5  DG  A "C1'" 1 
ATOM   92  N  N9    . DG  A 1 5  ? -7.356  0.139   2.188   0.50 19.06 ? 5  DG  A N9    1 
ATOM   93  C  C8    . DG  A 1 5  ? -6.586  -0.973  1.920   0.50 18.89 ? 5  DG  A C8    1 
ATOM   94  N  N7    . DG  A 1 5  ? -5.366  -0.662  1.560   0.50 19.55 ? 5  DG  A N7    1 
ATOM   95  C  C5    . DG  A 1 5  ? -5.333  0.721   1.641   0.50 18.63 ? 5  DG  A C5    1 
ATOM   96  C  C6    . DG  A 1 5  ? -4.294  1.642   1.378   0.50 20.35 ? 5  DG  A C6    1 
ATOM   97  O  O6    . DG  A 1 5  ? -3.128  1.434   1.021   0.50 22.42 ? 5  DG  A O6    1 
ATOM   98  N  N1    . DG  A 1 5  ? -4.722  2.944   1.585   0.50 20.96 ? 5  DG  A N1    1 
ATOM   99  C  C2    . DG  A 1 5  ? -5.969  3.313   2.008   0.50 18.87 ? 5  DG  A C2    1 
ATOM   100 N  N2    . DG  A 1 5  ? -6.188  4.619   2.149   0.50 15.29 ? 5  DG  A N2    1 
ATOM   101 N  N3    . DG  A 1 5  ? -6.926  2.472   2.271   0.50 19.68 ? 5  DG  A N3    1 
ATOM   102 C  C4    . DG  A 1 5  ? -6.548  1.211   2.063   0.50 18.59 ? 5  DG  A C4    1 
ATOM   103 P  P     . DG  A 1 6  ? -10.440 -0.389  -2.011  0.50 12.64 ? 6  DG  A P     1 
ATOM   104 O  OP1   . DG  A 1 6  ? -11.737 -0.491  -2.722  0.50 15.36 ? 6  DG  A OP1   1 
ATOM   105 O  OP2   . DG  A 1 6  ? -9.333  -1.311  -2.380  0.50 15.47 ? 6  DG  A OP2   1 
ATOM   106 O  "O5'" . DG  A 1 6  ? -9.886  1.088   -2.089  0.50 13.58 ? 6  DG  A "O5'" 1 
ATOM   107 C  "C5'" . DG  A 1 6  ? -10.710 2.198   -1.830  0.50 14.14 ? 6  DG  A "C5'" 1 
ATOM   108 C  "C4'" . DG  A 1 6  ? -9.889  3.469   -1.925  0.50 16.46 ? 6  DG  A "C4'" 1 
ATOM   109 O  "O4'" . DG  A 1 6  ? -8.868  3.474   -0.900  0.50 16.06 ? 6  DG  A "O4'" 1 
ATOM   110 C  "C3'" . DG  A 1 6  ? -9.127  3.706   -3.231  0.50 15.48 ? 6  DG  A "C3'" 1 
ATOM   111 O  "O3'" . DG  A 1 6  ? -9.981  4.322   -4.208  0.50 18.91 ? 6  DG  A "O3'" 1 
ATOM   112 C  "C2'" . DG  A 1 6  ? -8.069  4.691   -2.781  0.50 15.00 ? 6  DG  A "C2'" 1 
ATOM   113 C  "C1'" . DG  A 1 6  ? -7.706  4.160   -1.397  0.50 17.43 ? 6  DG  A "C1'" 1 
ATOM   114 N  N9    . DG  A 1 6  ? -6.575  3.231   -1.464  0.50 18.84 ? 6  DG  A N9    1 
ATOM   115 C  C8    . DG  A 1 6  ? -6.536  1.855   -1.443  0.50 16.59 ? 6  DG  A C8    1 
ATOM   116 N  N7    . DG  A 1 6  ? -5.328  1.376   -1.636  0.50 16.44 ? 6  DG  A N7    1 
ATOM   117 C  C5    . DG  A 1 6  ? -4.535  2.503   -1.770  0.50 20.65 ? 6  DG  A C5    1 
ATOM   118 C  C6    . DG  A 1 6  ? -3.110  2.661   -2.026  0.50 21.58 ? 6  DG  A C6    1 
ATOM   119 O  O6    . DG  A 1 6  ? -2.230  1.804   -2.205  0.50 19.92 ? 6  DG  A O6    1 
ATOM   120 N  N1    . DG  A 1 6  ? -2.768  4.003   -2.056  0.50 21.79 ? 6  DG  A N1    1 
ATOM   121 C  C2    . DG  A 1 6  ? -3.658  5.048   -1.869  0.50 24.09 ? 6  DG  A C2    1 
ATOM   122 N  N2    . DG  A 1 6  ? -3.178  6.286   -1.834  0.50 25.23 ? 6  DG  A N2    1 
ATOM   123 N  N3    . DG  A 1 6  ? -4.926  4.912   -1.694  0.50 21.39 ? 6  DG  A N3    1 
ATOM   124 C  C4    . DG  A 1 6  ? -5.297  3.644   -1.642  0.50 19.85 ? 6  DG  A C4    1 
ATOM   125 P  P     . DG  A 1 7  ? -9.716  4.102   -5.791  0.50 18.00 ? 7  DG  A P     1 
ATOM   126 O  OP1   . DG  A 1 7  ? -10.811 4.825   -6.476  0.50 19.69 ? 7  DG  A OP1   1 
ATOM   127 O  OP2   . DG  A 1 7  ? -9.564  2.647   -6.023  0.50 17.81 ? 7  DG  A OP2   1 
ATOM   128 O  "O5'" . DG  A 1 7  ? -8.316  4.830   -6.078  0.50 19.16 ? 7  DG  A "O5'" 1 
ATOM   129 C  "C5'" . DG  A 1 7  ? -8.158  6.243   -5.911  0.50 20.64 ? 7  DG  A "C5'" 1 
ATOM   130 C  "C4'" . DG  A 1 7  ? -6.741  6.684   -6.234  0.50 20.47 ? 7  DG  A "C4'" 1 
ATOM   131 O  "O4'" . DG  A 1 7  ? -5.791  6.129   -5.284  0.50 20.31 ? 7  DG  A "O4'" 1 
ATOM   132 C  "C3'" . DG  A 1 7  ? -6.170  6.327   -7.610  0.50 20.61 ? 7  DG  A "C3'" 1 
ATOM   133 O  "O3'" . DG  A 1 7  ? -6.562  7.310   -8.599  0.50 19.09 ? 7  DG  A "O3'" 1 
ATOM   134 C  "C2'" . DG  A 1 7  ? -4.672  6.439   -7.358  0.50 19.80 ? 7  DG  A "C2'" 1 
ATOM   135 C  "C1'" . DG  A 1 7  ? -4.501  6.058   -5.887  0.50 17.94 ? 7  DG  A "C1'" 1 
ATOM   136 N  N9    . DG  A 1 7  ? -3.953  4.720   -5.673  0.50 15.91 ? 7  DG  A N9    1 
ATOM   137 C  C8    . DG  A 1 7  ? -4.638  3.538   -5.546  0.50 13.74 ? 7  DG  A C8    1 
ATOM   138 N  N7    . DG  A 1 7  ? -3.852  2.508   -5.365  0.50 12.15 ? 7  DG  A N7    1 
ATOM   139 C  C5    . DG  A 1 7  ? -2.567  3.048   -5.364  0.50 13.34 ? 7  DG  A C5    1 
ATOM   140 C  C6    . DG  A 1 7  ? -1.288  2.417   -5.212  0.50 12.50 ? 7  DG  A C6    1 
ATOM   141 O  O6    . DG  A 1 7  ? -1.038  1.238   -4.982  0.50 12.69 ? 7  DG  A O6    1 
ATOM   142 N  N1    . DG  A 1 7  ? -0.244  3.323   -5.341  0.50 12.64 ? 7  DG  A N1    1 
ATOM   143 C  C2    . DG  A 1 7  ? -0.404  4.670   -5.564  0.50 14.50 ? 7  DG  A C2    1 
ATOM   144 N  N2    . DG  A 1 7  ? 0.712   5.383   -5.705  0.50 13.41 ? 7  DG  A N2    1 
ATOM   145 N  N3    . DG  A 1 7  ? -1.585  5.274   -5.662  0.50 14.37 ? 7  DG  A N3    1 
ATOM   146 C  C4    . DG  A 1 7  ? -2.611  4.405   -5.562  0.50 13.72 ? 7  DG  A C4    1 
ATOM   147 P  P     . DA  A 1 8  ? -6.299  7.035   -10.165 0.50 17.66 ? 8  DA  A P     1 
ATOM   148 O  OP1   . DA  A 1 8  ? -6.953  8.048   -11.003 0.50 20.51 ? 8  DA  A OP1   1 
ATOM   149 O  OP2   . DA  A 1 8  ? -6.612  5.595   -10.384 0.50 21.89 ? 8  DA  A OP2   1 
ATOM   150 O  "O5'" . DA  A 1 8  ? -4.744  7.270   -10.370 0.50 19.38 ? 8  DA  A "O5'" 1 
ATOM   151 C  "C5'" . DA  A 1 8  ? -3.998  6.425   -11.253 0.50 20.97 ? 8  DA  A "C5'" 1 
ATOM   152 C  "C4'" . DA  A 1 8  ? -2.531  6.526   -10.924 0.50 20.48 ? 8  DA  A "C4'" 1 
ATOM   153 O  "O4'" . DA  A 1 8  ? -2.338  6.186   -9.534  0.50 21.20 ? 8  DA  A "O4'" 1 
ATOM   154 C  "C3'" . DA  A 1 8  ? -1.605  5.584   -11.659 0.50 20.48 ? 8  DA  A "C3'" 1 
ATOM   155 O  "O3'" . DA  A 1 8  ? -1.301  6.057   -12.965 0.50 20.08 ? 8  DA  A "O3'" 1 
ATOM   156 C  "C2'" . DA  A 1 8  ? -0.403  5.574   -10.739 0.50 19.66 ? 8  DA  A "C2'" 1 
ATOM   157 C  "C1'" . DA  A 1 8  ? -1.078  5.550   -9.371  0.50 20.29 ? 8  DA  A "C1'" 1 
ATOM   158 N  N9    . DA  A 1 8  ? -1.349  4.196   -8.903  0.50 22.99 ? 8  DA  A N9    1 
ATOM   159 C  C8    . DA  A 1 8  ? -2.553  3.639   -8.533  0.50 22.19 ? 8  DA  A C8    1 
ATOM   160 N  N7    . DA  A 1 8  ? -2.462  2.389   -8.168  0.50 21.47 ? 8  DA  A N7    1 
ATOM   161 C  C5    . DA  A 1 8  ? -1.118  2.099   -8.315  0.50 20.85 ? 8  DA  A C5    1 
ATOM   162 C  C6    . DA  A 1 8  ? -0.376  0.939   -8.071  0.50 22.79 ? 8  DA  A C6    1 
ATOM   163 N  N6    . DA  A 1 8  ? -0.898  -0.187  -7.582  0.50 22.49 ? 8  DA  A N6    1 
ATOM   164 N  N1    . DA  A 1 8  ? 0.947   0.985   -8.328  0.50 22.74 ? 8  DA  A N1    1 
ATOM   165 C  C2    . DA  A 1 8  ? 1.476   2.151   -8.768  0.50 22.50 ? 8  DA  A C2    1 
ATOM   166 N  N3    . DA  A 1 8  ? 0.887   3.304   -9.002  0.50 21.36 ? 8  DA  A N3    1 
ATOM   167 C  C4    . DA  A 1 8  ? -0.423  3.207   -8.758  0.50 21.05 ? 8  DA  A C4    1 
ATOM   168 P  P     . DC  A 1 9  ? -0.957  4.988   -14.113 0.50 21.96 ? 9  DC  A P     1 
ATOM   169 O  OP1   . DC  A 1 9  ? -0.984  5.695   -15.421 0.50 22.95 ? 9  DC  A OP1   1 
ATOM   170 O  OP2   . DC  A 1 9  ? -1.876  3.843   -13.882 0.50 21.80 ? 9  DC  A OP2   1 
ATOM   171 O  "O5'" . DC  A 1 9  ? 0.522   4.503   -13.767 0.50 19.38 ? 9  DC  A "O5'" 1 
ATOM   172 C  "C5'" . DC  A 1 9  ? 1.619   5.411   -13.717 0.50 20.13 ? 9  DC  A "C5'" 1 
ATOM   173 C  "C4'" . DC  A 1 9  ? 2.915   4.651   -13.510 0.50 21.48 ? 9  DC  A "C4'" 1 
ATOM   174 O  "O4'" . DC  A 1 9  ? 3.003   4.126   -12.158 0.50 19.91 ? 9  DC  A "O4'" 1 
ATOM   175 C  "C3'" . DC  A 1 9  ? 3.125   3.421   -14.409 0.50 19.32 ? 9  DC  A "C3'" 1 
ATOM   176 O  "O3'" . DC  A 1 9  ? 3.687   3.764   -15.674 0.50 17.34 ? 9  DC  A "O3'" 1 
ATOM   177 C  "C2'" . DC  A 1 9  ? 4.133   2.629   -13.613 0.50 19.47 ? 9  DC  A "C2'" 1 
ATOM   178 C  "C1'" . DC  A 1 9  ? 3.628   2.834   -12.203 0.50 20.33 ? 9  DC  A "C1'" 1 
ATOM   179 N  N1    . DC  A 1 9  ? 2.617   1.834   -11.848 0.50 22.30 ? 9  DC  A N1    1 
ATOM   180 C  C2    . DC  A 1 9  ? 2.982   0.837   -10.976 0.50 23.05 ? 9  DC  A C2    1 
ATOM   181 O  O2    . DC  A 1 9  ? 4.159   0.823   -10.555 0.50 24.75 ? 9  DC  A O2    1 
ATOM   182 N  N3    . DC  A 1 9  ? 2.061   -0.072  -10.586 0.50 23.78 ? 9  DC  A N3    1 
ATOM   183 C  C4    . DC  A 1 9  ? 0.811   0.011   -11.032 0.50 23.40 ? 9  DC  A C4    1 
ATOM   184 N  N4    . DC  A 1 9  ? -0.066  -0.887  -10.588 0.50 26.71 ? 9  DC  A N4    1 
ATOM   185 C  C5    . DC  A 1 9  ? 0.407   1.022   -11.942 0.50 23.28 ? 9  DC  A C5    1 
ATOM   186 C  C6    . DC  A 1 9  ? 1.342   1.899   -12.334 0.50 21.94 ? 9  DC  A C6    1 
ATOM   187 P  P     . DC  A 1 10 ? 3.539   2.766   -16.930 0.50 15.92 ? 10 DC  A P     1 
ATOM   188 O  OP1   . DC  A 1 10 ? 4.111   3.545   -18.035 0.50 18.25 ? 10 DC  A OP1   1 
ATOM   189 O  OP2   . DC  A 1 10 ? 2.161   2.222   -17.040 0.50 20.53 ? 10 DC  A OP2   1 
ATOM   190 O  "O5'" . DC  A 1 10 ? 4.530   1.546   -16.645 0.50 17.59 ? 10 DC  A "O5'" 1 
ATOM   191 C  "C5'" . DC  A 1 10 ? 5.950   1.734   -16.659 0.50 13.81 ? 10 DC  A "C5'" 1 
ATOM   192 C  "C4'" . DC  A 1 10 ? 6.626   0.630   -15.882 0.50 15.55 ? 10 DC  A "C4'" 1 
ATOM   193 O  "O4'" . DC  A 1 10 ? 5.961   0.442   -14.615 0.50 13.48 ? 10 DC  A "O4'" 1 
ATOM   194 C  "C3'" . DC  A 1 10 ? 6.587   -0.745  -16.543 0.50 16.07 ? 10 DC  A "C3'" 1 
ATOM   195 O  "O3'" . DC  A 1 10 ? 7.510   -0.810  -17.681 0.50 16.61 ? 10 DC  A "O3'" 1 
ATOM   196 C  "C2'" . DC  A 1 10 ? 6.791   -1.671  -15.359 0.50 14.44 ? 10 DC  A "C2'" 1 
ATOM   197 C  "C1'" . DC  A 1 10 ? 6.020   -0.945  -14.239 0.50 14.54 ? 10 DC  A "C1'" 1 
ATOM   198 N  N1    . DC  A 1 10 ? 4.634   -1.406  -13.986 0.50 17.12 ? 10 DC  A N1    1 
ATOM   199 C  C2    . DC  A 1 10 ? 4.431   -2.551  -13.178 0.50 18.31 ? 10 DC  A C2    1 
ATOM   200 O  O2    . DC  A 1 10 ? 5.420   -3.171  -12.752 0.50 21.54 ? 10 DC  A O2    1 
ATOM   201 N  N3    . DC  A 1 10 ? 3.167   -2.948  -12.894 0.50 16.37 ? 10 DC  A N3    1 
ATOM   202 C  C4    . DC  A 1 10 ? 2.122   -2.274  -13.395 0.50 16.29 ? 10 DC  A C4    1 
ATOM   203 N  N4    . DC  A 1 10 ? 0.888   -2.734  -13.111 0.50 16.57 ? 10 DC  A N4    1 
ATOM   204 C  C5    . DC  A 1 10 ? 2.295   -1.114  -14.223 0.50 14.04 ? 10 DC  A C5    1 
ATOM   205 C  C6    . DC  A 1 10 ? 3.551   -0.726  -14.502 0.50 13.60 ? 10 DC  A C6    1 
ATOM   206 O  "O5'" . DG  B 2 1  ? -0.494  -11.570 -7.649  0.50 17.95 ? 11 DG  B "O5'" 1 
ATOM   207 C  "C5'" . DG  B 2 1  ? 0.605   -11.149 -6.861  0.50 18.34 ? 11 DG  B "C5'" 1 
ATOM   208 C  "C4'" . DG  B 2 1  ? 1.889   -11.164 -7.656  0.50 17.12 ? 11 DG  B "C4'" 1 
ATOM   209 O  "O4'" . DG  B 2 1  ? 1.601   -10.941 -9.054  0.50 16.37 ? 11 DG  B "O4'" 1 
ATOM   210 C  "C3'" . DG  B 2 1  ? 2.861   -10.053 -7.278  0.50 17.46 ? 11 DG  B "C3'" 1 
ATOM   211 O  "O3'" . DG  B 2 1  ? 3.668   -10.435 -6.153  0.50 20.03 ? 11 DG  B "O3'" 1 
ATOM   212 C  "C2'" . DG  B 2 1  ? 3.653   -9.880  -8.561  0.50 16.07 ? 11 DG  B "C2'" 1 
ATOM   213 C  "C1'" . DG  B 2 1  ? 2.581   -10.063 -9.624  0.50 13.55 ? 11 DG  B "C1'" 1 
ATOM   214 N  N9    . DG  B 2 1  ? 1.880   -8.840  -9.966  0.50 14.10 ? 11 DG  B N9    1 
ATOM   215 C  C8    . DG  B 2 1  ? 0.545   -8.599  -9.745  0.50 13.96 ? 11 DG  B C8    1 
ATOM   216 N  N7    . DG  B 2 1  ? 0.150   -7.446  -10.184 0.50 11.73 ? 11 DG  B N7    1 
ATOM   217 C  C5    . DG  B 2 1  ? 1.295   -6.865  -10.701 0.50 13.98 ? 11 DG  B C5    1 
ATOM   218 C  C6    . DG  B 2 1  ? 1.473   -5.624  -11.326 0.50 12.79 ? 11 DG  B C6    1 
ATOM   219 O  O6    . DG  B 2 1  ? 0.632   -4.754  -11.550 0.50 13.70 ? 11 DG  B O6    1 
ATOM   220 N  N1    . DG  B 2 1  ? 2.788   -5.440  -11.723 0.50 12.63 ? 11 DG  B N1    1 
ATOM   221 C  C2    . DG  B 2 1  ? 3.807   -6.331  -11.528 0.50 12.50 ? 11 DG  B C2    1 
ATOM   222 N  N2    . DG  B 2 1  ? 5.028   -5.945  -11.945 0.50 11.84 ? 11 DG  B N2    1 
ATOM   223 N  N3    . DG  B 2 1  ? 3.646   -7.510  -10.954 0.50 13.09 ? 11 DG  B N3    1 
ATOM   224 C  C4    . DG  B 2 1  ? 2.377   -7.713  -10.573 0.50 13.66 ? 11 DG  B C4    1 
ATOM   225 P  P     . DG  B 2 2  ? 3.662   -9.520  -4.818  0.50 20.04 ? 12 DG  B P     1 
ATOM   226 O  OP1   . DG  B 2 2  ? 4.077   -10.370 -3.679  0.50 22.68 ? 12 DG  B OP1   1 
ATOM   227 O  OP2   . DG  B 2 2  ? 2.349   -8.859  -4.825  0.50 21.30 ? 12 DG  B OP2   1 
ATOM   228 O  "O5'" . DG  B 2 2  ? 4.798   -8.439  -5.039  0.50 21.79 ? 12 DG  B "O5'" 1 
ATOM   229 C  "C5'" . DG  B 2 2  ? 6.146   -8.825  -5.237  0.50 21.17 ? 12 DG  B "C5'" 1 
ATOM   230 C  "C4'" . DG  B 2 2  ? 6.864   -7.763  -6.028  0.50 21.93 ? 12 DG  B "C4'" 1 
ATOM   231 O  "O4'" . DG  B 2 2  ? 6.285   -7.681  -7.345  0.50 24.02 ? 12 DG  B "O4'" 1 
ATOM   232 C  "C3'" . DG  B 2 2  ? 6.725   -6.351  -5.467  0.50 21.54 ? 12 DG  B "C3'" 1 
ATOM   233 O  "O3'" . DG  B 2 2  ? 7.764   -6.127  -4.533  0.50 23.08 ? 12 DG  B "O3'" 1 
ATOM   234 C  "C2'" . DG  B 2 2  ? 6.960   -5.502  -6.694  0.50 21.07 ? 12 DG  B "C2'" 1 
ATOM   235 C  "C1'" . DG  B 2 2  ? 6.295   -6.324  -7.777  0.50 20.91 ? 12 DG  B "C1'" 1 
ATOM   236 N  N9    . DG  B 2 2  ? 4.921   -5.880  -7.962  0.50 22.55 ? 12 DG  B N9    1 
ATOM   237 C  C8    . DG  B 2 2  ? 3.729   -6.495  -7.659  0.50 21.01 ? 12 DG  B C8    1 
ATOM   238 N  N7    . DG  B 2 2  ? 2.692   -5.737  -7.919  0.50 22.26 ? 12 DG  B N7    1 
ATOM   239 C  C5    . DG  B 2 2  ? 3.246   -4.574  -8.440  0.50 21.79 ? 12 DG  B C5    1 
ATOM   240 C  C6    . DG  B 2 2  ? 2.644   -3.356  -8.884  0.50 21.92 ? 12 DG  B C6    1 
ATOM   241 O  O6    . DG  B 2 2  ? 1.431   -3.045  -8.938  0.50 18.92 ? 12 DG  B O6    1 
ATOM   242 N  N1    . DG  B 2 2  ? 3.613   -2.446  -9.294  0.50 20.67 ? 12 DG  B N1    1 
ATOM   243 C  C2    . DG  B 2 2  ? 4.973   -2.677  -9.298  0.50 20.41 ? 12 DG  B C2    1 
ATOM   244 N  N2    . DG  B 2 2  ? 5.767   -1.690  -9.712  0.50 15.52 ? 12 DG  B N2    1 
ATOM   245 N  N3    . DG  B 2 2  ? 5.519   -3.786  -8.914  0.50 20.99 ? 12 DG  B N3    1 
ATOM   246 C  C4    . DG  B 2 2  ? 4.614   -4.671  -8.485  0.50 22.05 ? 12 DG  B C4    1 
ATOM   247 P  P     . DT  B 2 3  ? 7.530   -5.128  -3.321  0.50 23.30 ? 13 DT  B P     1 
ATOM   248 O  OP1   . DT  B 2 3  ? 8.643   -5.411  -2.373  0.50 26.19 ? 13 DT  B OP1   1 
ATOM   249 O  OP2   . DT  B 2 3  ? 6.130   -5.234  -2.869  0.50 24.72 ? 13 DT  B OP2   1 
ATOM   250 O  "O5'" . DT  B 2 3  ? 7.703   -3.691  -3.980  0.50 21.68 ? 13 DT  B "O5'" 1 
ATOM   251 C  "C5'" . DT  B 2 3  ? 8.911   -3.311  -4.594  0.50 19.35 ? 13 DT  B "C5'" 1 
ATOM   252 C  "C4'" . DT  B 2 3  ? 8.740   -1.962  -5.249  0.50 20.30 ? 13 DT  B "C4'" 1 
ATOM   253 O  "O4'" . DT  B 2 3  ? 7.801   -2.052  -6.343  0.50 21.58 ? 13 DT  B "O4'" 1 
ATOM   254 C  "C3'" . DT  B 2 3  ? 8.179   -0.884  -4.329  0.50 20.51 ? 13 DT  B "C3'" 1 
ATOM   255 O  "O3'" . DT  B 2 3  ? 9.259   -0.278  -3.635  0.50 20.36 ? 13 DT  B "O3'" 1 
ATOM   256 C  "C2'" . DT  B 2 3  ? 7.535   0.068   -5.315  0.50 20.74 ? 13 DT  B "C2'" 1 
ATOM   257 C  "C1'" . DT  B 2 3  ? 6.997   -0.889  -6.386  0.50 21.66 ? 13 DT  B "C1'" 1 
ATOM   258 N  N1    . DT  B 2 3  ? 5.583   -1.292  -6.177  0.50 21.55 ? 13 DT  B N1    1 
ATOM   259 C  C2    . DT  B 2 3  ? 4.679   -0.495  -6.798  0.50 20.32 ? 13 DT  B C2    1 
ATOM   260 O  O2    . DT  B 2 3  ? 5.014   0.477   -7.437  0.50 18.94 ? 13 DT  B O2    1 
ATOM   261 N  N3    . DT  B 2 3  ? 3.375   -0.874  -6.648  0.50 21.28 ? 13 DT  B N3    1 
ATOM   262 C  C4    . DT  B 2 3  ? 2.899   -1.954  -5.936  0.50 21.50 ? 13 DT  B C4    1 
ATOM   263 O  O4    . DT  B 2 3  ? 1.698   -2.207  -5.921  0.50 22.44 ? 13 DT  B O4    1 
ATOM   264 C  C5    . DT  B 2 3  ? 3.888   -2.731  -5.262  0.50 20.85 ? 13 DT  B C5    1 
ATOM   265 C  C7    . DT  B 2 3  ? 3.414   -3.876  -4.418  0.50 17.33 ? 13 DT  B C7    1 
ATOM   266 C  C6    . DT  B 2 3  ? 5.182   -2.382  -5.417  0.50 20.47 ? 13 DT  B C6    1 
ATOM   267 P  P     . DC  B 2 4  ? 9.067   0.242   -2.115  0.50 24.22 ? 14 DC  B P     1 
ATOM   268 O  OP1   . DC  B 2 4  ? 10.421  0.631   -1.616  0.50 22.50 ? 14 DC  B OP1   1 
ATOM   269 O  OP2   . DC  B 2 4  ? 8.238   -0.699  -1.324  0.50 20.06 ? 14 DC  B OP2   1 
ATOM   270 O  "O5'" . DC  B 2 4  ? 8.281   1.595   -2.309  0.50 18.22 ? 14 DC  B "O5'" 1 
ATOM   271 C  "C5'" . DC  B 2 4  ? 8.781   2.572   -3.174  0.50 17.10 ? 14 DC  B "C5'" 1 
ATOM   272 C  "C4'" . DC  B 2 4  ? 7.679   3.529   -3.549  0.50 16.67 ? 14 DC  B "C4'" 1 
ATOM   273 O  "O4'" . DC  B 2 4  ? 6.724   2.853   -4.387  0.50 17.45 ? 14 DC  B "O4'" 1 
ATOM   274 C  "C3'" . DC  B 2 4  ? 6.826   4.050   -2.399  0.50 17.94 ? 14 DC  B "C3'" 1 
ATOM   275 O  "O3'" . DC  B 2 4  ? 7.482   5.094   -1.654  0.50 19.86 ? 14 DC  B "O3'" 1 
ATOM   276 C  "C2'" . DC  B 2 4  ? 5.614   4.572   -3.151  0.50 17.18 ? 14 DC  B "C2'" 1 
ATOM   277 C  "C1'" . DC  B 2 4  ? 5.471   3.532   -4.277  0.50 17.80 ? 14 DC  B "C1'" 1 
ATOM   278 N  N1    . DC  B 2 4  ? 4.415   2.530   -4.039  0.50 16.29 ? 14 DC  B N1    1 
ATOM   279 C  C2    . DC  B 2 4  ? 3.111   2.879   -4.386  0.50 16.48 ? 14 DC  B C2    1 
ATOM   280 O  O2    . DC  B 2 4  ? 2.905   4.022   -4.853  0.50 16.34 ? 14 DC  B O2    1 
ATOM   281 N  N3    . DC  B 2 4  ? 2.113   1.991   -4.209  0.50 16.55 ? 14 DC  B N3    1 
ATOM   282 C  C4    . DC  B 2 4  ? 2.374   0.777   -3.699  0.50 17.27 ? 14 DC  B C4    1 
ATOM   283 N  N4    . DC  B 2 4  ? 1.345   -0.083  -3.578  0.50 14.59 ? 14 DC  B N4    1 
ATOM   284 C  C5    . DC  B 2 4  ? 3.702   0.396   -3.302  0.50 16.36 ? 14 DC  B C5    1 
ATOM   285 C  C6    . DC  B 2 4  ? 4.686   1.302   -3.500  0.50 16.25 ? 14 DC  B C6    1 
ATOM   286 P  P     . DC  B 2 5  ? 6.893   5.545   -0.215  0.50 20.44 ? 15 DC  B P     1 
ATOM   287 O  OP1   . DC  B 2 5  ? 7.973   6.275   0.517   0.50 21.38 ? 15 DC  B OP1   1 
ATOM   288 O  OP2   . DC  B 2 5  ? 6.248   4.407   0.422   0.50 20.16 ? 15 DC  B OP2   1 
ATOM   289 O  "O5'" . DC  B 2 5  ? 5.690   6.526   -0.547  0.50 20.95 ? 15 DC  B "O5'" 1 
ATOM   290 C  "C5'" . DC  B 2 5  ? 5.892   7.854   -1.000  0.50 18.96 ? 15 DC  B "C5'" 1 
ATOM   291 C  "C4'" . DC  B 2 5  ? 4.553   8.484   -1.309  0.50 18.93 ? 15 DC  B "C4'" 1 
ATOM   292 O  "O4'" . DC  B 2 5  ? 3.927   7.661   -2.308  0.50 18.60 ? 15 DC  B "O4'" 1 
ATOM   293 C  "C3'" . DC  B 2 5  ? 3.550   8.458   -0.168  0.50 18.12 ? 15 DC  B "C3'" 1 
ATOM   294 O  "O3'" . DC  B 2 5  ? 3.661   9.558   0.731   0.50 17.91 ? 15 DC  B "O3'" 1 
ATOM   295 C  "C2'" . DC  B 2 5  ? 2.232   8.517   -0.899  0.50 18.30 ? 15 DC  B "C2'" 1 
ATOM   296 C  "C1'" . DC  B 2 5  ? 2.517   7.641   -2.101  0.50 20.45 ? 15 DC  B "C1'" 1 
ATOM   297 N  N1    . DC  B 2 5  ? 2.091   6.242   -1.905  0.50 21.48 ? 15 DC  B N1    1 
ATOM   298 C  C2    . DC  B 2 5  ? 0.805   5.913   -2.260  0.50 20.03 ? 15 DC  B C2    1 
ATOM   299 O  O2    . DC  B 2 5  ? 0.089   6.794   -2.733  0.50 21.35 ? 15 DC  B O2    1 
ATOM   300 N  N3    . DC  B 2 5  ? 0.365   4.650   -2.089  0.50 19.92 ? 15 DC  B N3    1 
ATOM   301 C  C4    . DC  B 2 5  ? 1.172   3.726   -1.589  0.50 20.10 ? 15 DC  B C4    1 
ATOM   302 N  N4    . DC  B 2 5  ? 0.689   2.485   -1.456  0.50 20.72 ? 15 DC  B N4    1 
ATOM   303 C  C5    . DC  B 2 5  ? 2.512   4.029   -1.204  0.50 21.65 ? 15 DC  B C5    1 
ATOM   304 C  C6    . DC  B 2 5  ? 2.929   5.296   -1.381  0.50 21.02 ? 15 DC  B C6    1 
ATOM   305 P  P     . DC  B 2 6  ? 3.107   9.385   2.224   0.50 15.39 ? 16 DC  B P     1 
ATOM   306 O  OP1   . DC  B 2 6  ? 3.494   10.573  3.004   0.50 17.89 ? 16 DC  B OP1   1 
ATOM   307 O  OP2   . DC  B 2 6  ? 3.526   8.039   2.708   0.50 17.14 ? 16 DC  B OP2   1 
ATOM   308 O  "O5'" . DC  B 2 6  ? 1.527   9.324   2.030   0.50 17.66 ? 16 DC  B "O5'" 1 
ATOM   309 C  "C5'" . DC  B 2 6  ? 0.788   10.487  1.710   0.50 17.44 ? 16 DC  B "C5'" 1 
ATOM   310 C  "C4'" . DC  B 2 6  ? -0.695  10.230  1.855   0.50 17.23 ? 16 DC  B "C4'" 1 
ATOM   311 O  "O4'" . DC  B 2 6  ? -1.157  9.322   0.836   0.50 18.70 ? 16 DC  B "O4'" 1 
ATOM   312 C  "C3'" . DC  B 2 6  ? -1.134  9.586   3.155   0.50 18.30 ? 16 DC  B "C3'" 1 
ATOM   313 O  "O3'" . DC  B 2 6  ? -1.265  10.548  4.207   0.50 20.84 ? 16 DC  B "O3'" 1 
ATOM   314 C  "C2'" . DC  B 2 6  ? -2.472  9.006   2.761   0.50 17.82 ? 16 DC  B "C2'" 1 
ATOM   315 C  "C1'" . DC  B 2 6  ? -2.217  8.520   1.338   0.50 16.24 ? 16 DC  B "C1'" 1 
ATOM   316 N  N1    . DC  B 2 6  ? -1.801  7.100   1.259   0.50 17.67 ? 16 DC  B N1    1 
ATOM   317 C  C2    . DC  B 2 6  ? -2.767  6.134   0.927   0.50 16.57 ? 16 DC  B C2    1 
ATOM   318 O  O2    . DC  B 2 6  ? -3.940  6.514   0.677   0.50 16.64 ? 16 DC  B O2    1 
ATOM   319 N  N3    . DC  B 2 6  ? -2.403  4.826   0.878   0.50 18.56 ? 16 DC  B N3    1 
ATOM   320 C  C4    . DC  B 2 6  ? -1.130  4.465   1.145   0.50 19.55 ? 16 DC  B C4    1 
ATOM   321 N  N4    . DC  B 2 6  ? -0.815  3.149   1.116   0.50 18.43 ? 16 DC  B N4    1 
ATOM   322 C  C5    . DC  B 2 6  ? -0.125  5.431   1.461   0.50 16.90 ? 16 DC  B C5    1 
ATOM   323 C  C6    . DC  B 2 6  ? -0.500  6.721   1.510   0.50 17.76 ? 16 DC  B C6    1 
ATOM   324 P  P     . DA  B 2 7  ? -1.056  10.083  5.728   0.50 22.22 ? 17 DA  B P     1 
ATOM   325 O  OP1   . DA  B 2 7  ? -0.837  11.278  6.553   0.50 19.36 ? 17 DA  B OP1   1 
ATOM   326 O  OP2   . DA  B 2 7  ? 0.000   9.010   5.707   0.50 23.41 ? 17 DA  B OP2   1 
ATOM   327 O  "O5'" . DA  B 2 7  ? -2.452  9.379   6.085   0.50 21.68 ? 17 DA  B "O5'" 1 
ATOM   328 C  "C5'" . DA  B 2 7  ? -3.676  9.845   5.516   0.50 27.09 ? 17 DA  B "C5'" 1 
ATOM   329 C  "C4'" . DA  B 2 7  ? -4.768  8.813   5.692   0.50 29.33 ? 17 DA  B "C4'" 1 
ATOM   330 O  "O4'" . DA  B 2 7  ? -4.841  7.866   4.590   0.50 30.10 ? 17 DA  B "O4'" 1 
ATOM   331 C  "C3'" . DA  B 2 7  ? -4.557  7.953   6.925   0.50 31.43 ? 17 DA  B "C3'" 1 
ATOM   332 O  "O3'" . DA  B 2 7  ? -4.989  8.616   8.122   0.50 32.18 ? 17 DA  B "O3'" 1 
ATOM   333 C  "C2'" . DA  B 2 7  ? -5.371  6.717   6.590   0.50 30.66 ? 17 DA  B "C2'" 1 
ATOM   334 C  "C1'" . DA  B 2 7  ? -5.108  6.556   5.095   0.50 29.48 ? 17 DA  B "C1'" 1 
ATOM   335 N  N9    . DA  B 2 7  ? -3.941  5.711   4.816   0.50 29.80 ? 17 DA  B N9    1 
ATOM   336 C  C8    . DA  B 2 7  ? -2.651  6.099   4.555   0.50 29.13 ? 17 DA  B C8    1 
ATOM   337 N  N7    . DA  B 2 7  ? -1.827  5.093   4.356   0.50 29.17 ? 17 DA  B N7    1 
ATOM   338 C  C5    . DA  B 2 7  ? -2.631  3.968   4.490   0.50 28.91 ? 17 DA  B C5    1 
ATOM   339 C  C6    . DA  B 2 7  ? -2.360  2.587   4.386   0.50 28.74 ? 17 DA  B C6    1 
ATOM   340 N  N6    . DA  B 2 7  ? -1.165  2.089   4.059   0.50 28.62 ? 17 DA  B N6    1 
ATOM   341 N  N1    . DA  B 2 7  ? -3.376  1.726   4.613   0.50 28.42 ? 17 DA  B N1    1 
ATOM   342 C  C2    . DA  B 2 7  ? -4.586  2.227   4.888   0.50 29.57 ? 17 DA  B C2    1 
ATOM   343 N  N3    . DA  B 2 7  ? -4.970  3.503   4.989   0.50 29.48 ? 17 DA  B N3    1 
ATOM   344 C  C4    . DA  B 2 7  ? -3.933  4.333   4.779   0.50 29.11 ? 17 DA  B C4    1 
ATOM   345 P  P     . DC  B 2 8  ? -4.517  8.038   9.541   0.50 35.02 ? 18 DC  B P     1 
ATOM   346 O  OP1   . DC  B 2 8  ? -5.298  8.718   10.586  0.50 32.39 ? 18 DC  B OP1   1 
ATOM   347 O  OP2   . DC  B 2 8  ? -3.022  8.041   9.585   0.50 33.34 ? 18 DC  B OP2   1 
ATOM   348 O  "O5'" . DC  B 2 8  ? -4.979  6.520   9.442   0.50 33.93 ? 18 DC  B "O5'" 1 
ATOM   349 C  "C5'" . DC  B 2 8  ? -5.111  5.706   10.582  0.50 32.45 ? 18 DC  B "C5'" 1 
ATOM   350 C  "C4'" . DC  B 2 8  ? -5.906  4.479   10.213  0.50 33.41 ? 18 DC  B "C4'" 1 
ATOM   351 O  "O4'" . DC  B 2 8  ? -5.542  4.016   8.896   0.50 32.82 ? 18 DC  B "O4'" 1 
ATOM   352 C  "C3'" . DC  B 2 8  ? -5.674  3.318   11.151  0.50 33.67 ? 18 DC  B "C3'" 1 
ATOM   353 O  "O3'" . DC  B 2 8  ? -6.680  3.381   12.156  0.50 35.30 ? 18 DC  B "O3'" 1 
ATOM   354 C  "C2'" . DC  B 2 8  ? -5.827  2.117   10.237  0.50 33.92 ? 18 DC  B "C2'" 1 
ATOM   355 C  "C1'" . DC  B 2 8  ? -5.303  2.624   8.904   0.50 32.61 ? 18 DC  B "C1'" 1 
ATOM   356 N  N1    . DC  B 2 8  ? -3.872  2.446   8.591   0.50 33.24 ? 18 DC  B N1    1 
ATOM   357 C  C2    . DC  B 2 8  ? -3.413  1.241   8.068   0.50 32.64 ? 18 DC  B C2    1 
ATOM   358 O  O2    . DC  B 2 8  ? -4.172  0.265   8.033   0.50 32.96 ? 18 DC  B O2    1 
ATOM   359 N  N3    . DC  B 2 8  ? -2.132  1.166   7.626   0.50 34.44 ? 18 DC  B N3    1 
ATOM   360 C  C4    . DC  B 2 8  ? -1.329  2.229   7.719   0.50 32.69 ? 18 DC  B C4    1 
ATOM   361 N  N4    . DC  B 2 8  ? -0.103  2.146   7.192   0.50 32.25 ? 18 DC  B N4    1 
ATOM   362 C  C5    . DC  B 2 8  ? -1.751  3.427   8.334   0.50 33.03 ? 18 DC  B C5    1 
ATOM   363 C  C6    . DC  B 2 8  ? -3.008  3.494   8.755   0.50 32.68 ? 18 DC  B C6    1 
ATOM   364 P  P     . DG  B 2 9  ? -6.263  3.539   13.695  0.50 34.99 ? 19 DG  B P     1 
ATOM   365 O  OP1   . DG  B 2 9  ? -7.259  4.437   14.374  0.50 34.54 ? 19 DG  B OP1   1 
ATOM   366 O  OP2   . DG  B 2 9  ? -4.813  3.862   13.758  0.50 34.71 ? 19 DG  B OP2   1 
ATOM   367 O  "O5'" . DG  B 2 9  ? -6.451  2.077   14.280  0.50 34.37 ? 19 DG  B "O5'" 1 
ATOM   368 C  "C5'" . DG  B 2 9  ? -7.374  1.182   13.702  0.50 32.93 ? 19 DG  B "C5'" 1 
ATOM   369 C  "C4'" . DG  B 2 9  ? -6.627  -0.005  13.150  0.50 34.31 ? 19 DG  B "C4'" 1 
ATOM   370 O  "O4'" . DG  B 2 9  ? -5.669  0.499   12.197  0.50 33.13 ? 19 DG  B "O4'" 1 
ATOM   371 C  "C3'" . DG  B 2 9  ? -5.772  -0.756  14.175  0.50 34.45 ? 19 DG  B "C3'" 1 
ATOM   372 O  "O3'" . DG  B 2 9  ? -6.526  -1.804  14.786  0.50 34.68 ? 19 DG  B "O3'" 1 
ATOM   373 C  "C2'" . DG  B 2 9  ? -4.678  -1.367  13.321  0.50 32.77 ? 19 DG  B "C2'" 1 
ATOM   374 C  "C1'" . DG  B 2 9  ? -4.627  -0.456  12.107  0.50 32.55 ? 19 DG  B "C1'" 1 
ATOM   375 N  N9    . DG  B 2 9  ? -3.351  0.174   11.775  0.50 30.87 ? 19 DG  B N9    1 
ATOM   376 C  C8    . DG  B 2 9  ? -2.928  1.487   11.747  0.50 30.47 ? 19 DG  B C8    1 
ATOM   377 N  N7    . DG  B 2 9  ? -1.733  1.620   11.216  0.50 29.00 ? 19 DG  B N7    1 
ATOM   378 C  C5    . DG  B 2 9  ? -1.363  0.317   10.916  0.50 28.93 ? 19 DG  B C5    1 
ATOM   379 C  C6    . DG  B 2 9  ? -0.188  -0.225  10.290  0.50 29.07 ? 19 DG  B C6    1 
ATOM   380 O  O6    . DG  B 2 9  ? 0.793   0.360   9.807   0.50 29.85 ? 19 DG  B O6    1 
ATOM   381 N  N1    . DG  B 2 9  ? -0.247  -1.607  10.240  0.50 28.59 ? 19 DG  B N1    1 
ATOM   382 C  C2    . DG  B 2 9  ? -1.302  -2.364  10.710  0.50 29.53 ? 19 DG  B C2    1 
ATOM   383 N  N2    . DG  B 2 9  ? -1.224  -3.656  10.616  0.50 27.36 ? 19 DG  B N2    1 
ATOM   384 N  N3    . DG  B 2 9  ? -2.370  -1.879  11.246  0.50 28.98 ? 19 DG  B N3    1 
ATOM   385 C  C4    . DG  B 2 9  ? -2.339  -0.562  11.315  0.50 29.22 ? 19 DG  B C4    1 
ATOM   386 P  P     . DC  B 2 10 ? -5.992  -2.475  16.144  0.50 35.66 ? 20 DC  B P     1 
ATOM   387 O  OP1   . DC  B 2 10 ? -6.885  -3.623  16.515  0.50 34.80 ? 20 DC  B OP1   1 
ATOM   388 O  OP2   . DC  B 2 10 ? -5.763  -1.373  17.103  0.50 34.19 ? 20 DC  B OP2   1 
ATOM   389 O  "O5'" . DC  B 2 10 ? -4.561  -3.077  15.760  0.50 36.03 ? 20 DC  B "O5'" 1 
ATOM   390 C  "C5'" . DC  B 2 10 ? -4.421  -4.450  15.409  0.50 33.57 ? 20 DC  B "C5'" 1 
ATOM   391 C  "C4'" . DC  B 2 10 ? -2.972  -4.876  15.473  0.50 32.46 ? 20 DC  B "C4'" 1 
ATOM   392 O  "O4'" . DC  B 2 10 ? -2.241  -4.586  14.261  0.50 31.22 ? 20 DC  B "O4'" 1 
ATOM   393 C  "C3'" . DC  B 2 10 ? -2.137  -4.246  16.573  0.50 31.77 ? 20 DC  B "C3'" 1 
ATOM   394 O  "O3'" . DC  B 2 10 ? -2.499  -4.651  17.904  0.50 32.39 ? 20 DC  B "O3'" 1 
ATOM   395 C  "C2'" . DC  B 2 10 ? -0.733  -4.584  16.114  0.50 31.27 ? 20 DC  B "C2'" 1 
ATOM   396 C  "C1'" . DC  B 2 10 ? -0.851  -4.503  14.582  0.50 30.40 ? 20 DC  B "C1'" 1 
ATOM   397 N  N1    . DC  B 2 10 ? -0.306  -3.246  14.028  0.50 30.01 ? 20 DC  B N1    1 
ATOM   398 C  C2    . DC  B 2 10 ? 0.814   -3.332  13.193  0.50 28.79 ? 20 DC  B C2    1 
ATOM   399 O  O2    . DC  B 2 10 ? 1.254   -4.445  12.897  0.50 29.32 ? 20 DC  B O2    1 
ATOM   400 N  N3    . DC  B 2 10 ? 1.384   -2.208  12.733  0.50 29.18 ? 20 DC  B N3    1 
ATOM   401 C  C4    . DC  B 2 10 ? 0.889   -1.019  13.067  0.50 28.29 ? 20 DC  B C4    1 
ATOM   402 N  N4    . DC  B 2 10 ? 1.524   0.057   12.597  0.50 27.16 ? 20 DC  B N4    1 
ATOM   403 C  C5    . DC  B 2 10 ? -0.270  -0.889  13.892  0.50 26.87 ? 20 DC  B C5    1 
ATOM   404 C  C6    . DC  B 2 10 ? -0.840  -2.021  14.341  0.50 27.09 ? 20 DC  B C6    1 
HETATM 405 MG MG    . MG  C 3 .  ? 4.479   -12.755 1.056   0.50 29.98 ? 50 MG  A MG    1 
HETATM 406 O  O     . HOH D 4 .  ? -3.413  -1.365  -2.800  1.00 39.41 ? 51 HOH A O     1 
HETATM 407 O  O     . HOH D 4 .  ? 4.908   2.166   10.089  1.00 50.72 ? 52 HOH A O     1 
HETATM 408 O  O     . HOH D 4 .  ? 0.716   -5.725  1.691   1.00 36.68 ? 53 HOH A O     1 
HETATM 409 O  O     . HOH D 4 .  ? 6.786   1.194   9.663   1.00 44.91 ? 54 HOH A O     1 
HETATM 410 O  O     . HOH D 4 .  ? -4.568  0.136   -5.214  1.00 31.53 ? 55 HOH A O     1 
HETATM 411 O  O     . HOH D 4 .  ? 2.863   5.851   -8.799  1.00 33.84 ? 56 HOH A O     1 
HETATM 412 O  O     . HOH D 4 .  ? -0.094  1.477   -15.496 1.00 50.26 ? 57 HOH A O     1 
HETATM 413 O  O     . HOH D 4 .  ? 5.185   0.552   8.097   1.00 57.78 ? 58 HOH A O     1 
HETATM 414 O  O     . HOH D 4 .  ? 2.716   -12.255 0.028   0.50 27.97 ? 59 HOH A O     1 
HETATM 415 O  O     . HOH D 4 .  ? 5.374   -11.024 0.618   0.50 28.22 ? 60 HOH A O     1 
HETATM 416 O  O     . HOH E 4 .  ? 0.616   -7.703  13.880  1.00 28.25 ? 21 HOH B O     1 
HETATM 417 O  O     . HOH E 4 .  ? 7.946   -3.955  -8.897  1.00 33.72 ? 22 HOH B O     1 
HETATM 418 O  O     . HOH E 4 .  ? 6.565   1.666   -8.363  1.00 33.40 ? 23 HOH B O     1 
HETATM 419 O  O     . HOH E 4 .  ? 13.161  -0.420  -1.736  1.00 57.60 ? 24 HOH B O     1 
HETATM 420 O  O     . HOH E 4 .  ? -0.093  -3.302  -4.918  1.00 34.44 ? 25 HOH B O     1 
HETATM 421 O  O     . HOH E 4 .  ? 3.048   8.386   6.147   1.00 62.75 ? 26 HOH B O     1 
HETATM 422 O  O     . HOH E 4 .  ? 2.343   -7.963  15.811  1.00 37.37 ? 27 HOH B O     1 
HETATM 423 O  O     . HOH E 4 .  ? 2.468   2.351   9.966   1.00 37.51 ? 28 HOH B O     1 
HETATM 424 O  O     . HOH E 4 .  ? 2.206   -2.102  -1.996  1.00 38.46 ? 29 HOH B O     1 
HETATM 425 O  O     . HOH E 4 .  ? 0.964   2.140   13.917  1.00 32.19 ? 30 HOH B O     1 
# 
loop_
_pdbx_poly_seq_scheme.asym_id 
_pdbx_poly_seq_scheme.entity_id 
_pdbx_poly_seq_scheme.seq_id 
_pdbx_poly_seq_scheme.mon_id 
_pdbx_poly_seq_scheme.ndb_seq_num 
_pdbx_poly_seq_scheme.pdb_seq_num 
_pdbx_poly_seq_scheme.auth_seq_num 
_pdbx_poly_seq_scheme.pdb_mon_id 
_pdbx_poly_seq_scheme.auth_mon_id 
_pdbx_poly_seq_scheme.pdb_strand_id 
_pdbx_poly_seq_scheme.pdb_ins_code 
_pdbx_poly_seq_scheme.hetero 
A 1 1  DG 1  1  1  DG G A . n 
A 1 2  DC 2  2  2  DC C A . n 
A 1 3  DG 3  3  3  DG G A . n 
A 1 4  DT 4  4  4  DT T A . n 
A 1 5  DG 5  5  5  DG G A . n 
A 1 6  DG 6  6  6  DG G A . n 
A 1 7  DG 7  7  7  DG G A . n 
A 1 8  DA 8  8  8  DA A A . n 
A 1 9  DC 9  9  9  DC C A . n 
A 1 10 DC 10 10 10 DC C A . n 
B 2 1  DG 1  11 11 DG G B . n 
B 2 2  DG 2  12 12 DG G B . n 
B 2 3  DT 3  13 13 DT T B . n 
B 2 4  DC 4  14 14 DC C B . n 
B 2 5  DC 5  15 15 DC C B . n 
B 2 6  DC 6  16 16 DC C B . n 
B 2 7  DA 7  17 17 DA A B . n 
B 2 8  DC 8  18 18 DC C B . n 
B 2 9  DG 9  19 19 DG G B . n 
B 2 10 DC 10 20 20 DC C B . n 
# 
loop_
_pdbx_nonpoly_scheme.asym_id 
_pdbx_nonpoly_scheme.entity_id 
_pdbx_nonpoly_scheme.mon_id 
_pdbx_nonpoly_scheme.ndb_seq_num 
_pdbx_nonpoly_scheme.pdb_seq_num 
_pdbx_nonpoly_scheme.auth_seq_num 
_pdbx_nonpoly_scheme.pdb_mon_id 
_pdbx_nonpoly_scheme.auth_mon_id 
_pdbx_nonpoly_scheme.pdb_strand_id 
_pdbx_nonpoly_scheme.pdb_ins_code 
C 3 MG  1  50 50 MG  MO2 A . 
D 4 HOH 1  51 1  HOH HOH A . 
D 4 HOH 2  52 2  HOH HOH A . 
D 4 HOH 3  53 3  HOH HOH A . 
D 4 HOH 4  54 4  HOH HOH A . 
D 4 HOH 5  55 5  HOH HOH A . 
D 4 HOH 6  56 10 HOH HOH A . 
D 4 HOH 7  57 11 HOH HOH A . 
D 4 HOH 8  58 18 HOH HOH A . 
D 4 HOH 9  59 50 HOH MO2 A . 
D 4 HOH 10 60 50 HOH MO2 A . 
E 4 HOH 1  21 6  HOH HOH B . 
E 4 HOH 2  22 7  HOH HOH B . 
E 4 HOH 3  23 8  HOH HOH B . 
E 4 HOH 4  24 9  HOH HOH B . 
E 4 HOH 5  25 12 HOH HOH B . 
E 4 HOH 6  26 13 HOH HOH B . 
E 4 HOH 7  27 14 HOH HOH B . 
E 4 HOH 8  28 15 HOH HOH B . 
E 4 HOH 9  29 16 HOH HOH B . 
E 4 HOH 10 30 17 HOH HOH B . 
# 
_pdbx_struct_assembly.id                   1 
_pdbx_struct_assembly.details              author_defined_assembly 
_pdbx_struct_assembly.method_details       ? 
_pdbx_struct_assembly.oligomeric_details   dimeric 
_pdbx_struct_assembly.oligomeric_count     2 
# 
_pdbx_struct_assembly_gen.assembly_id       1 
_pdbx_struct_assembly_gen.oper_expression   1 
_pdbx_struct_assembly_gen.asym_id_list      A,B,C,D,E 
# 
_pdbx_struct_oper_list.id                   1 
_pdbx_struct_oper_list.type                 'identity operation' 
_pdbx_struct_oper_list.name                 1_555 
_pdbx_struct_oper_list.symmetry_operation   x,y,z 
_pdbx_struct_oper_list.matrix[1][1]         1.0000000000 
_pdbx_struct_oper_list.matrix[1][2]         0.0000000000 
_pdbx_struct_oper_list.matrix[1][3]         0.0000000000 
_pdbx_struct_oper_list.vector[1]            0.0000000000 
_pdbx_struct_oper_list.matrix[2][1]         0.0000000000 
_pdbx_struct_oper_list.matrix[2][2]         1.0000000000 
_pdbx_struct_oper_list.matrix[2][3]         0.0000000000 
_pdbx_struct_oper_list.vector[2]            0.0000000000 
_pdbx_struct_oper_list.matrix[3][1]         0.0000000000 
_pdbx_struct_oper_list.matrix[3][2]         0.0000000000 
_pdbx_struct_oper_list.matrix[3][3]         1.0000000000 
_pdbx_struct_oper_list.vector[3]            0.0000000000 
# 
loop_
_pdbx_struct_conn_angle.id 
_pdbx_struct_conn_angle.ptnr1_label_atom_id 
_pdbx_struct_conn_angle.ptnr1_label_alt_id 
_pdbx_struct_conn_angle.ptnr1_label_asym_id 
_pdbx_struct_conn_angle.ptnr1_label_comp_id 
_pdbx_struct_conn_angle.ptnr1_label_seq_id 
_pdbx_struct_conn_angle.ptnr1_auth_atom_id 
_pdbx_struct_conn_angle.ptnr1_auth_asym_id 
_pdbx_struct_conn_angle.ptnr1_auth_comp_id 
_pdbx_struct_conn_angle.ptnr1_auth_seq_id 
_pdbx_struct_conn_angle.ptnr1_PDB_ins_code 
_pdbx_struct_conn_angle.ptnr1_symmetry 
_pdbx_struct_conn_angle.ptnr2_label_atom_id 
_pdbx_struct_conn_angle.ptnr2_label_alt_id 
_pdbx_struct_conn_angle.ptnr2_label_asym_id 
_pdbx_struct_conn_angle.ptnr2_label_comp_id 
_pdbx_struct_conn_angle.ptnr2_label_seq_id 
_pdbx_struct_conn_angle.ptnr2_auth_atom_id 
_pdbx_struct_conn_angle.ptnr2_auth_asym_id 
_pdbx_struct_conn_angle.ptnr2_auth_comp_id 
_pdbx_struct_conn_angle.ptnr2_auth_seq_id 
_pdbx_struct_conn_angle.ptnr2_PDB_ins_code 
_pdbx_struct_conn_angle.ptnr2_symmetry 
_pdbx_struct_conn_angle.ptnr3_label_atom_id 
_pdbx_struct_conn_angle.ptnr3_label_alt_id 
_pdbx_struct_conn_angle.ptnr3_label_asym_id 
_pdbx_struct_conn_angle.ptnr3_label_comp_id 
_pdbx_struct_conn_angle.ptnr3_label_seq_id 
_pdbx_struct_conn_angle.ptnr3_auth_atom_id 
_pdbx_struct_conn_angle.ptnr3_auth_asym_id 
_pdbx_struct_conn_angle.ptnr3_auth_comp_id 
_pdbx_struct_conn_angle.ptnr3_auth_seq_id 
_pdbx_struct_conn_angle.ptnr3_PDB_ins_code 
_pdbx_struct_conn_angle.ptnr3_symmetry 
_pdbx_struct_conn_angle.value 
_pdbx_struct_conn_angle.value_esd 
1 O ? D HOH . ? A HOH 59 ? 1_555 MG ? C MG . ? A MG 50 ? 1_555 O   ? D HOH . ? A HOH 60 ? 1_555 93.6  ? 
2 O ? D HOH . ? A HOH 59 ? 1_555 MG ? C MG . ? A MG 50 ? 1_555 OP1 ? B DG  9 ? B DG  19 ? 5_564 78.1  ? 
3 O ? D HOH . ? A HOH 60 ? 1_555 MG ? C MG . ? A MG 50 ? 1_555 OP1 ? B DG  9 ? B DG  19 ? 5_564 126.8 ? 
# 
loop_
_pdbx_audit_revision_history.ordinal 
_pdbx_audit_revision_history.data_content_type 
_pdbx_audit_revision_history.major_revision 
_pdbx_audit_revision_history.minor_revision 
_pdbx_audit_revision_history.revision_date 
1 'Structure model' 1 0 2005-09-27 
2 'Structure model' 1 1 2008-05-01 
3 'Structure model' 1 2 2011-07-13 
4 'Structure model' 1 3 2017-10-11 
5 'Structure model' 1 4 2023-08-23 
# 
_pdbx_audit_revision_details.ordinal             1 
_pdbx_audit_revision_details.revision_ordinal    1 
_pdbx_audit_revision_details.data_content_type   'Structure model' 
_pdbx_audit_revision_details.provider            repository 
_pdbx_audit_revision_details.type                'Initial release' 
_pdbx_audit_revision_details.description         ? 
_pdbx_audit_revision_details.details             ? 
# 
loop_
_pdbx_audit_revision_group.ordinal 
_pdbx_audit_revision_group.revision_ordinal 
_pdbx_audit_revision_group.data_content_type 
_pdbx_audit_revision_group.group 
1 2 'Structure model' 'Version format compliance' 
2 3 'Structure model' 'Version format compliance' 
3 4 'Structure model' 'Refinement description'    
4 5 'Structure model' 'Data collection'           
5 5 'Structure model' 'Database references'       
6 5 'Structure model' 'Derived calculations'      
7 5 'Structure model' 'Refinement description'    
# 
loop_
_pdbx_audit_revision_category.ordinal 
_pdbx_audit_revision_category.revision_ordinal 
_pdbx_audit_revision_category.data_content_type 
_pdbx_audit_revision_category.category 
1 4 'Structure model' software                      
2 5 'Structure model' chem_comp_atom                
3 5 'Structure model' chem_comp_bond                
4 5 'Structure model' database_2                    
5 5 'Structure model' pdbx_initial_refinement_model 
6 5 'Structure model' pdbx_struct_conn_angle        
7 5 'Structure model' struct_conn                   
8 5 'Structure model' struct_site                   
# 
loop_
_pdbx_audit_revision_item.ordinal 
_pdbx_audit_revision_item.revision_ordinal 
_pdbx_audit_revision_item.data_content_type 
_pdbx_audit_revision_item.item 
1  4 'Structure model' '_software.classification'                  
2  4 'Structure model' '_software.contact_author'                  
3  4 'Structure model' '_software.contact_author_email'            
4  4 'Structure model' '_software.date'                            
5  4 'Structure model' '_software.language'                        
6  4 'Structure model' '_software.location'                        
7  4 'Structure model' '_software.name'                            
8  4 'Structure model' '_software.type'                            
9  4 'Structure model' '_software.version'                         
10 5 'Structure model' '_database_2.pdbx_DOI'                      
11 5 'Structure model' '_database_2.pdbx_database_accession'       
12 5 'Structure model' '_pdbx_struct_conn_angle.ptnr1_auth_seq_id' 
13 5 'Structure model' '_pdbx_struct_conn_angle.ptnr3_auth_seq_id' 
14 5 'Structure model' '_pdbx_struct_conn_angle.value'             
15 5 'Structure model' '_struct_conn.pdbx_dist_value'              
16 5 'Structure model' '_struct_conn.ptnr2_auth_seq_id'            
17 5 'Structure model' '_struct_site.pdbx_auth_asym_id'            
18 5 'Structure model' '_struct_site.pdbx_auth_comp_id'            
19 5 'Structure model' '_struct_site.pdbx_auth_seq_id'             
# 
_pdbx_phasing_MR.entry_id                     2B1C 
_pdbx_phasing_MR.method_rotation              ? 
_pdbx_phasing_MR.method_translation           ? 
_pdbx_phasing_MR.model_details                ? 
_pdbx_phasing_MR.R_factor                     ? 
_pdbx_phasing_MR.R_rigid_body                 ? 
_pdbx_phasing_MR.correlation_coeff_Fo_to_Fc   ? 
_pdbx_phasing_MR.correlation_coeff_Io_to_Ic   ? 
_pdbx_phasing_MR.d_res_high_rotation          3.000 
_pdbx_phasing_MR.d_res_low_rotation           10.000 
_pdbx_phasing_MR.d_res_high_translation       3.000 
_pdbx_phasing_MR.d_res_low_translation        12.000 
_pdbx_phasing_MR.packing                      ? 
_pdbx_phasing_MR.reflns_percent_rotation      ? 
_pdbx_phasing_MR.reflns_percent_translation   ? 
_pdbx_phasing_MR.sigma_F_rotation             ? 
_pdbx_phasing_MR.sigma_F_translation          ? 
_pdbx_phasing_MR.sigma_I_rotation             ? 
_pdbx_phasing_MR.sigma_I_translation          ? 
# 
loop_
_software.name 
_software.version 
_software.date 
_software.type 
_software.contact_author 
_software.contact_author_email 
_software.classification 
_software.location 
_software.language 
_software.citation_id 
_software.pdbx_ordinal 
DENZO       .     ?               package 'Zbyszek Otwinowski' zbyszek@mix.swmed.edu    'data reduction'  
http://www.lnls.br/infra/linhasluz/denzo-hkl.htm ?          ? 1 
SCALEPACK   .     ?               package 'Zbyszek Otwinowski' zbyszek@mix.swmed.edu    'data scaling'    
http://www.lnls.br/infra/linhasluz/denzo-hkl.htm ?          ? 2 
AMoRE       .     ?               program 'Jorge Navaza'       ccp4@dl.ac.uk            phasing           
http://www.ccp4.ac.uk/main.html                  Fortran    ? 3 
CNS         .     ?               package 'Axel T. Brunger'    axel.brunger@yale.edu    refinement        
http://cns.csb.yale.edu/v1.1/                    Fortran_77 ? 4 
PDB_EXTRACT 1.700 'May. 30, 2005' package PDB                  sw-help@rcsb.rutgers.edu 'data extraction' 
http://pdb.rutgers.edu/software/                 C++        ? 5 
CBASS       .     ?               ?       ?                    ?                        'data collection' ? ?          ? 6 
# 
loop_
_pdbx_validate_close_contact.id 
_pdbx_validate_close_contact.PDB_model_num 
_pdbx_validate_close_contact.auth_atom_id_1 
_pdbx_validate_close_contact.auth_asym_id_1 
_pdbx_validate_close_contact.auth_comp_id_1 
_pdbx_validate_close_contact.auth_seq_id_1 
_pdbx_validate_close_contact.PDB_ins_code_1 
_pdbx_validate_close_contact.label_alt_id_1 
_pdbx_validate_close_contact.auth_atom_id_2 
_pdbx_validate_close_contact.auth_asym_id_2 
_pdbx_validate_close_contact.auth_comp_id_2 
_pdbx_validate_close_contact.auth_seq_id_2 
_pdbx_validate_close_contact.PDB_ins_code_2 
_pdbx_validate_close_contact.label_alt_id_2 
_pdbx_validate_close_contact.dist 
1 1 O  A HOH 52 ? ? O A HOH 54 ? ? 2.16 
2 1 O2 B DT  13 ? ? O B HOH 23 ? ? 2.16 
# 
_pdbx_validate_symm_contact.id                1 
_pdbx_validate_symm_contact.PDB_model_num     1 
_pdbx_validate_symm_contact.auth_atom_id_1    O 
_pdbx_validate_symm_contact.auth_asym_id_1    B 
_pdbx_validate_symm_contact.auth_comp_id_1    HOH 
_pdbx_validate_symm_contact.auth_seq_id_1     21 
_pdbx_validate_symm_contact.PDB_ins_code_1    ? 
_pdbx_validate_symm_contact.label_alt_id_1    ? 
_pdbx_validate_symm_contact.site_symmetry_1   1_555 
_pdbx_validate_symm_contact.auth_atom_id_2    O 
_pdbx_validate_symm_contact.auth_asym_id_2    B 
_pdbx_validate_symm_contact.auth_comp_id_2    HOH 
_pdbx_validate_symm_contact.auth_seq_id_2     21 
_pdbx_validate_symm_contact.PDB_ins_code_2    ? 
_pdbx_validate_symm_contact.label_alt_id_2    ? 
_pdbx_validate_symm_contact.site_symmetry_2   12_565 
_pdbx_validate_symm_contact.dist              2.16 
# 
_pdbx_validate_rmsd_angle.id                         1 
_pdbx_validate_rmsd_angle.PDB_model_num              1 
_pdbx_validate_rmsd_angle.auth_atom_id_1             "O4'" 
_pdbx_validate_rmsd_angle.auth_asym_id_1             B 
_pdbx_validate_rmsd_angle.auth_comp_id_1             DG 
_pdbx_validate_rmsd_angle.auth_seq_id_1              19 
_pdbx_validate_rmsd_angle.PDB_ins_code_1             ? 
_pdbx_validate_rmsd_angle.label_alt_id_1             ? 
_pdbx_validate_rmsd_angle.auth_atom_id_2             "C1'" 
_pdbx_validate_rmsd_angle.auth_asym_id_2             B 
_pdbx_validate_rmsd_angle.auth_comp_id_2             DG 
_pdbx_validate_rmsd_angle.auth_seq_id_2              19 
_pdbx_validate_rmsd_angle.PDB_ins_code_2             ? 
_pdbx_validate_rmsd_angle.label_alt_id_2             ? 
_pdbx_validate_rmsd_angle.auth_atom_id_3             N9 
_pdbx_validate_rmsd_angle.auth_asym_id_3             B 
_pdbx_validate_rmsd_angle.auth_comp_id_3             DG 
_pdbx_validate_rmsd_angle.auth_seq_id_3              19 
_pdbx_validate_rmsd_angle.PDB_ins_code_3             ? 
_pdbx_validate_rmsd_angle.label_alt_id_3             ? 
_pdbx_validate_rmsd_angle.angle_value                111.49 
_pdbx_validate_rmsd_angle.angle_target_value         108.30 
_pdbx_validate_rmsd_angle.angle_deviation            3.19 
_pdbx_validate_rmsd_angle.angle_standard_deviation   0.30 
_pdbx_validate_rmsd_angle.linker_flag                N 
# 
loop_
_pdbx_validate_planes.id 
_pdbx_validate_planes.PDB_model_num 
_pdbx_validate_planes.auth_comp_id 
_pdbx_validate_planes.auth_asym_id 
_pdbx_validate_planes.auth_seq_id 
_pdbx_validate_planes.PDB_ins_code 
_pdbx_validate_planes.label_alt_id 
_pdbx_validate_planes.rmsd 
_pdbx_validate_planes.type 
1 1 DG A 5  ? ? 0.048 'SIDE CHAIN' 
2 1 DC B 18 ? ? 0.081 'SIDE CHAIN' 
3 1 DG B 19 ? ? 0.072 'SIDE CHAIN' 
# 
loop_
_chem_comp_atom.comp_id 
_chem_comp_atom.atom_id 
_chem_comp_atom.type_symbol 
_chem_comp_atom.pdbx_aromatic_flag 
_chem_comp_atom.pdbx_stereo_config 
_chem_comp_atom.pdbx_ordinal 
DA  OP3    O  N N 1   
DA  P      P  N N 2   
DA  OP1    O  N N 3   
DA  OP2    O  N N 4   
DA  "O5'"  O  N N 5   
DA  "C5'"  C  N N 6   
DA  "C4'"  C  N R 7   
DA  "O4'"  O  N N 8   
DA  "C3'"  C  N S 9   
DA  "O3'"  O  N N 10  
DA  "C2'"  C  N N 11  
DA  "C1'"  C  N R 12  
DA  N9     N  Y N 13  
DA  C8     C  Y N 14  
DA  N7     N  Y N 15  
DA  C5     C  Y N 16  
DA  C6     C  Y N 17  
DA  N6     N  N N 18  
DA  N1     N  Y N 19  
DA  C2     C  Y N 20  
DA  N3     N  Y N 21  
DA  C4     C  Y N 22  
DA  HOP3   H  N N 23  
DA  HOP2   H  N N 24  
DA  "H5'"  H  N N 25  
DA  "H5''" H  N N 26  
DA  "H4'"  H  N N 27  
DA  "H3'"  H  N N 28  
DA  "HO3'" H  N N 29  
DA  "H2'"  H  N N 30  
DA  "H2''" H  N N 31  
DA  "H1'"  H  N N 32  
DA  H8     H  N N 33  
DA  H61    H  N N 34  
DA  H62    H  N N 35  
DA  H2     H  N N 36  
DC  OP3    O  N N 37  
DC  P      P  N N 38  
DC  OP1    O  N N 39  
DC  OP2    O  N N 40  
DC  "O5'"  O  N N 41  
DC  "C5'"  C  N N 42  
DC  "C4'"  C  N R 43  
DC  "O4'"  O  N N 44  
DC  "C3'"  C  N S 45  
DC  "O3'"  O  N N 46  
DC  "C2'"  C  N N 47  
DC  "C1'"  C  N R 48  
DC  N1     N  N N 49  
DC  C2     C  N N 50  
DC  O2     O  N N 51  
DC  N3     N  N N 52  
DC  C4     C  N N 53  
DC  N4     N  N N 54  
DC  C5     C  N N 55  
DC  C6     C  N N 56  
DC  HOP3   H  N N 57  
DC  HOP2   H  N N 58  
DC  "H5'"  H  N N 59  
DC  "H5''" H  N N 60  
DC  "H4'"  H  N N 61  
DC  "H3'"  H  N N 62  
DC  "HO3'" H  N N 63  
DC  "H2'"  H  N N 64  
DC  "H2''" H  N N 65  
DC  "H1'"  H  N N 66  
DC  H41    H  N N 67  
DC  H42    H  N N 68  
DC  H5     H  N N 69  
DC  H6     H  N N 70  
DG  OP3    O  N N 71  
DG  P      P  N N 72  
DG  OP1    O  N N 73  
DG  OP2    O  N N 74  
DG  "O5'"  O  N N 75  
DG  "C5'"  C  N N 76  
DG  "C4'"  C  N R 77  
DG  "O4'"  O  N N 78  
DG  "C3'"  C  N S 79  
DG  "O3'"  O  N N 80  
DG  "C2'"  C  N N 81  
DG  "C1'"  C  N R 82  
DG  N9     N  Y N 83  
DG  C8     C  Y N 84  
DG  N7     N  Y N 85  
DG  C5     C  Y N 86  
DG  C6     C  N N 87  
DG  O6     O  N N 88  
DG  N1     N  N N 89  
DG  C2     C  N N 90  
DG  N2     N  N N 91  
DG  N3     N  N N 92  
DG  C4     C  Y N 93  
DG  HOP3   H  N N 94  
DG  HOP2   H  N N 95  
DG  "H5'"  H  N N 96  
DG  "H5''" H  N N 97  
DG  "H4'"  H  N N 98  
DG  "H3'"  H  N N 99  
DG  "HO3'" H  N N 100 
DG  "H2'"  H  N N 101 
DG  "H2''" H  N N 102 
DG  "H1'"  H  N N 103 
DG  H8     H  N N 104 
DG  H1     H  N N 105 
DG  H21    H  N N 106 
DG  H22    H  N N 107 
DT  OP3    O  N N 108 
DT  P      P  N N 109 
DT  OP1    O  N N 110 
DT  OP2    O  N N 111 
DT  "O5'"  O  N N 112 
DT  "C5'"  C  N N 113 
DT  "C4'"  C  N R 114 
DT  "O4'"  O  N N 115 
DT  "C3'"  C  N S 116 
DT  "O3'"  O  N N 117 
DT  "C2'"  C  N N 118 
DT  "C1'"  C  N R 119 
DT  N1     N  N N 120 
DT  C2     C  N N 121 
DT  O2     O  N N 122 
DT  N3     N  N N 123 
DT  C4     C  N N 124 
DT  O4     O  N N 125 
DT  C5     C  N N 126 
DT  C7     C  N N 127 
DT  C6     C  N N 128 
DT  HOP3   H  N N 129 
DT  HOP2   H  N N 130 
DT  "H5'"  H  N N 131 
DT  "H5''" H  N N 132 
DT  "H4'"  H  N N 133 
DT  "H3'"  H  N N 134 
DT  "HO3'" H  N N 135 
DT  "H2'"  H  N N 136 
DT  "H2''" H  N N 137 
DT  "H1'"  H  N N 138 
DT  H3     H  N N 139 
DT  H71    H  N N 140 
DT  H72    H  N N 141 
DT  H73    H  N N 142 
DT  H6     H  N N 143 
HOH O      O  N N 144 
HOH H1     H  N N 145 
HOH H2     H  N N 146 
MG  MG     MG N N 147 
# 
loop_
_chem_comp_bond.comp_id 
_chem_comp_bond.atom_id_1 
_chem_comp_bond.atom_id_2 
_chem_comp_bond.value_order 
_chem_comp_bond.pdbx_aromatic_flag 
_chem_comp_bond.pdbx_stereo_config 
_chem_comp_bond.pdbx_ordinal 
DA  OP3   P      sing N N 1   
DA  OP3   HOP3   sing N N 2   
DA  P     OP1    doub N N 3   
DA  P     OP2    sing N N 4   
DA  P     "O5'"  sing N N 5   
DA  OP2   HOP2   sing N N 6   
DA  "O5'" "C5'"  sing N N 7   
DA  "C5'" "C4'"  sing N N 8   
DA  "C5'" "H5'"  sing N N 9   
DA  "C5'" "H5''" sing N N 10  
DA  "C4'" "O4'"  sing N N 11  
DA  "C4'" "C3'"  sing N N 12  
DA  "C4'" "H4'"  sing N N 13  
DA  "O4'" "C1'"  sing N N 14  
DA  "C3'" "O3'"  sing N N 15  
DA  "C3'" "C2'"  sing N N 16  
DA  "C3'" "H3'"  sing N N 17  
DA  "O3'" "HO3'" sing N N 18  
DA  "C2'" "C1'"  sing N N 19  
DA  "C2'" "H2'"  sing N N 20  
DA  "C2'" "H2''" sing N N 21  
DA  "C1'" N9     sing N N 22  
DA  "C1'" "H1'"  sing N N 23  
DA  N9    C8     sing Y N 24  
DA  N9    C4     sing Y N 25  
DA  C8    N7     doub Y N 26  
DA  C8    H8     sing N N 27  
DA  N7    C5     sing Y N 28  
DA  C5    C6     sing Y N 29  
DA  C5    C4     doub Y N 30  
DA  C6    N6     sing N N 31  
DA  C6    N1     doub Y N 32  
DA  N6    H61    sing N N 33  
DA  N6    H62    sing N N 34  
DA  N1    C2     sing Y N 35  
DA  C2    N3     doub Y N 36  
DA  C2    H2     sing N N 37  
DA  N3    C4     sing Y N 38  
DC  OP3   P      sing N N 39  
DC  OP3   HOP3   sing N N 40  
DC  P     OP1    doub N N 41  
DC  P     OP2    sing N N 42  
DC  P     "O5'"  sing N N 43  
DC  OP2   HOP2   sing N N 44  
DC  "O5'" "C5'"  sing N N 45  
DC  "C5'" "C4'"  sing N N 46  
DC  "C5'" "H5'"  sing N N 47  
DC  "C5'" "H5''" sing N N 48  
DC  "C4'" "O4'"  sing N N 49  
DC  "C4'" "C3'"  sing N N 50  
DC  "C4'" "H4'"  sing N N 51  
DC  "O4'" "C1'"  sing N N 52  
DC  "C3'" "O3'"  sing N N 53  
DC  "C3'" "C2'"  sing N N 54  
DC  "C3'" "H3'"  sing N N 55  
DC  "O3'" "HO3'" sing N N 56  
DC  "C2'" "C1'"  sing N N 57  
DC  "C2'" "H2'"  sing N N 58  
DC  "C2'" "H2''" sing N N 59  
DC  "C1'" N1     sing N N 60  
DC  "C1'" "H1'"  sing N N 61  
DC  N1    C2     sing N N 62  
DC  N1    C6     sing N N 63  
DC  C2    O2     doub N N 64  
DC  C2    N3     sing N N 65  
DC  N3    C4     doub N N 66  
DC  C4    N4     sing N N 67  
DC  C4    C5     sing N N 68  
DC  N4    H41    sing N N 69  
DC  N4    H42    sing N N 70  
DC  C5    C6     doub N N 71  
DC  C5    H5     sing N N 72  
DC  C6    H6     sing N N 73  
DG  OP3   P      sing N N 74  
DG  OP3   HOP3   sing N N 75  
DG  P     OP1    doub N N 76  
DG  P     OP2    sing N N 77  
DG  P     "O5'"  sing N N 78  
DG  OP2   HOP2   sing N N 79  
DG  "O5'" "C5'"  sing N N 80  
DG  "C5'" "C4'"  sing N N 81  
DG  "C5'" "H5'"  sing N N 82  
DG  "C5'" "H5''" sing N N 83  
DG  "C4'" "O4'"  sing N N 84  
DG  "C4'" "C3'"  sing N N 85  
DG  "C4'" "H4'"  sing N N 86  
DG  "O4'" "C1'"  sing N N 87  
DG  "C3'" "O3'"  sing N N 88  
DG  "C3'" "C2'"  sing N N 89  
DG  "C3'" "H3'"  sing N N 90  
DG  "O3'" "HO3'" sing N N 91  
DG  "C2'" "C1'"  sing N N 92  
DG  "C2'" "H2'"  sing N N 93  
DG  "C2'" "H2''" sing N N 94  
DG  "C1'" N9     sing N N 95  
DG  "C1'" "H1'"  sing N N 96  
DG  N9    C8     sing Y N 97  
DG  N9    C4     sing Y N 98  
DG  C8    N7     doub Y N 99  
DG  C8    H8     sing N N 100 
DG  N7    C5     sing Y N 101 
DG  C5    C6     sing N N 102 
DG  C5    C4     doub Y N 103 
DG  C6    O6     doub N N 104 
DG  C6    N1     sing N N 105 
DG  N1    C2     sing N N 106 
DG  N1    H1     sing N N 107 
DG  C2    N2     sing N N 108 
DG  C2    N3     doub N N 109 
DG  N2    H21    sing N N 110 
DG  N2    H22    sing N N 111 
DG  N3    C4     sing N N 112 
DT  OP3   P      sing N N 113 
DT  OP3   HOP3   sing N N 114 
DT  P     OP1    doub N N 115 
DT  P     OP2    sing N N 116 
DT  P     "O5'"  sing N N 117 
DT  OP2   HOP2   sing N N 118 
DT  "O5'" "C5'"  sing N N 119 
DT  "C5'" "C4'"  sing N N 120 
DT  "C5'" "H5'"  sing N N 121 
DT  "C5'" "H5''" sing N N 122 
DT  "C4'" "O4'"  sing N N 123 
DT  "C4'" "C3'"  sing N N 124 
DT  "C4'" "H4'"  sing N N 125 
DT  "O4'" "C1'"  sing N N 126 
DT  "C3'" "O3'"  sing N N 127 
DT  "C3'" "C2'"  sing N N 128 
DT  "C3'" "H3'"  sing N N 129 
DT  "O3'" "HO3'" sing N N 130 
DT  "C2'" "C1'"  sing N N 131 
DT  "C2'" "H2'"  sing N N 132 
DT  "C2'" "H2''" sing N N 133 
DT  "C1'" N1     sing N N 134 
DT  "C1'" "H1'"  sing N N 135 
DT  N1    C2     sing N N 136 
DT  N1    C6     sing N N 137 
DT  C2    O2     doub N N 138 
DT  C2    N3     sing N N 139 
DT  N3    C4     sing N N 140 
DT  N3    H3     sing N N 141 
DT  C4    O4     doub N N 142 
DT  C4    C5     sing N N 143 
DT  C5    C7     sing N N 144 
DT  C5    C6     doub N N 145 
DT  C7    H71    sing N N 146 
DT  C7    H72    sing N N 147 
DT  C7    H73    sing N N 148 
DT  C6    H6     sing N N 149 
HOH O     H1     sing N N 150 
HOH O     H2     sing N N 151 
# 
loop_
_ndb_struct_conf_na.entry_id 
_ndb_struct_conf_na.feature 
2B1C 'double helix'        
2B1C 'a-form double helix' 
# 
loop_
_ndb_struct_na_base_pair.model_number 
_ndb_struct_na_base_pair.i_label_asym_id 
_ndb_struct_na_base_pair.i_label_comp_id 
_ndb_struct_na_base_pair.i_label_seq_id 
_ndb_struct_na_base_pair.i_symmetry 
_ndb_struct_na_base_pair.j_label_asym_id 
_ndb_struct_na_base_pair.j_label_comp_id 
_ndb_struct_na_base_pair.j_label_seq_id 
_ndb_struct_na_base_pair.j_symmetry 
_ndb_struct_na_base_pair.shear 
_ndb_struct_na_base_pair.stretch 
_ndb_struct_na_base_pair.stagger 
_ndb_struct_na_base_pair.buckle 
_ndb_struct_na_base_pair.propeller 
_ndb_struct_na_base_pair.opening 
_ndb_struct_na_base_pair.pair_number 
_ndb_struct_na_base_pair.pair_name 
_ndb_struct_na_base_pair.i_auth_asym_id 
_ndb_struct_na_base_pair.i_auth_seq_id 
_ndb_struct_na_base_pair.i_PDB_ins_code 
_ndb_struct_na_base_pair.j_auth_asym_id 
_ndb_struct_na_base_pair.j_auth_seq_id 
_ndb_struct_na_base_pair.j_PDB_ins_code 
_ndb_struct_na_base_pair.hbond_type_28 
_ndb_struct_na_base_pair.hbond_type_12 
1 A DG 1  1_555 B DC 10 1_555 -0.722 -0.269 -0.076 -8.490  -6.223  2.264  1  A_DG1:DC20_B  A 1  ? B 20 ? 19 1 
1 A DC 2  1_555 B DG 9  1_555 -0.331 0.522  -0.219 9.234   -6.416  -5.942 2  A_DC2:DG19_B  A 2  ? B 19 ? ?  ? 
1 A DG 3  1_555 B DC 8  1_555 -0.638 -0.237 -0.288 -8.788  -7.715  6.902  3  A_DG3:DC18_B  A 3  ? B 18 ? 19 1 
1 A DT 4  1_555 B DA 7  1_555 -0.744 -0.079 -0.263 10.303  -13.016 1.463  4  A_DT4:DA17_B  A 4  ? B 17 ? 20 1 
1 A DG 5  1_555 B DC 6  1_555 -0.519 -0.103 -0.858 -19.535 -22.892 -0.917 5  A_DG5:DC16_B  A 5  ? B 16 ? 19 1 
1 A DG 6  1_555 B DC 5  1_555 -0.149 0.211  -0.325 -21.240 -22.585 -1.710 6  A_DG6:DC15_B  A 6  ? B 15 ? 19 1 
1 A DG 7  1_555 B DC 4  1_555 -0.799 -0.244 0.474  -9.390  -11.307 2.490  7  A_DG7:DC14_B  A 7  ? B 14 ? 19 1 
1 A DA 8  1_555 B DT 3  1_555 0.142  0.521  0.465  -22.392 -4.822  3.227  8  A_DA8:DT13_B  A 8  ? B 13 ? ?  ? 
1 A DC 9  1_555 B DG 2  1_555 0.770  -0.024 -0.355 17.911  -14.769 1.328  9  A_DC9:DG12_B  A 9  ? B 12 ? 19 1 
1 A DC 10 1_555 B DG 1  1_555 0.177  -0.323 -0.234 6.597   -15.198 -5.428 10 A_DC10:DG11_B A 10 ? B 11 ? 19 1 
# 
loop_
_ndb_struct_na_base_pair_step.model_number 
_ndb_struct_na_base_pair_step.i_label_asym_id_1 
_ndb_struct_na_base_pair_step.i_label_comp_id_1 
_ndb_struct_na_base_pair_step.i_label_seq_id_1 
_ndb_struct_na_base_pair_step.i_symmetry_1 
_ndb_struct_na_base_pair_step.j_label_asym_id_1 
_ndb_struct_na_base_pair_step.j_label_comp_id_1 
_ndb_struct_na_base_pair_step.j_label_seq_id_1 
_ndb_struct_na_base_pair_step.j_symmetry_1 
_ndb_struct_na_base_pair_step.i_label_asym_id_2 
_ndb_struct_na_base_pair_step.i_label_comp_id_2 
_ndb_struct_na_base_pair_step.i_label_seq_id_2 
_ndb_struct_na_base_pair_step.i_symmetry_2 
_ndb_struct_na_base_pair_step.j_label_asym_id_2 
_ndb_struct_na_base_pair_step.j_label_comp_id_2 
_ndb_struct_na_base_pair_step.j_label_seq_id_2 
_ndb_struct_na_base_pair_step.j_symmetry_2 
_ndb_struct_na_base_pair_step.shift 
_ndb_struct_na_base_pair_step.slide 
_ndb_struct_na_base_pair_step.rise 
_ndb_struct_na_base_pair_step.tilt 
_ndb_struct_na_base_pair_step.roll 
_ndb_struct_na_base_pair_step.twist 
_ndb_struct_na_base_pair_step.x_displacement 
_ndb_struct_na_base_pair_step.y_displacement 
_ndb_struct_na_base_pair_step.helical_rise 
_ndb_struct_na_base_pair_step.inclination 
_ndb_struct_na_base_pair_step.tip 
_ndb_struct_na_base_pair_step.helical_twist 
_ndb_struct_na_base_pair_step.step_number 
_ndb_struct_na_base_pair_step.step_name 
_ndb_struct_na_base_pair_step.i_auth_asym_id_1 
_ndb_struct_na_base_pair_step.i_auth_seq_id_1 
_ndb_struct_na_base_pair_step.i_PDB_ins_code_1 
_ndb_struct_na_base_pair_step.j_auth_asym_id_1 
_ndb_struct_na_base_pair_step.j_auth_seq_id_1 
_ndb_struct_na_base_pair_step.j_PDB_ins_code_1 
_ndb_struct_na_base_pair_step.i_auth_asym_id_2 
_ndb_struct_na_base_pair_step.i_auth_seq_id_2 
_ndb_struct_na_base_pair_step.i_PDB_ins_code_2 
_ndb_struct_na_base_pair_step.j_auth_asym_id_2 
_ndb_struct_na_base_pair_step.j_auth_seq_id_2 
_ndb_struct_na_base_pair_step.j_PDB_ins_code_2 
1 A DG 1 1_555 B DC 10 1_555 A DC 2  1_555 B DG 9 1_555 0.016  -1.279 2.620 1.213  8.253  35.702 -2.894 0.100  2.278 13.239 -1.947 
36.632 1 AA_DG1DC2:DG19DC20_BB  A 1 ? B 20 ? A 2  ? B 19 ? 
1 A DC 2 1_555 B DG 9  1_555 A DG 3  1_555 B DC 8 1_555 0.140  -0.682 3.670 -1.170 15.403 25.359 -4.813 -0.537 2.797 31.620 2.401 
29.627 2 AA_DC2DG3:DC18DG19_BB  A 2 ? B 19 ? A 3  ? B 18 ? 
1 A DG 3 1_555 B DC 8  1_555 A DT 4  1_555 B DA 7 1_555 -0.837 -1.581 2.913 -6.607 -1.797 30.797 -2.598 0.395  3.106 -3.332 12.252 
31.531 3 AA_DG3DT4:DA17DC18_BB  A 3 ? B 18 ? A 4  ? B 17 ? 
1 A DT 4 1_555 B DA 7  1_555 A DG 5  1_555 B DC 6 1_555 -0.317 -1.259 4.021 3.685  16.146 34.325 -4.296 1.026  3.096 25.595 -5.841 
38.003 4 AA_DT4DG5:DC16DA17_BB  A 4 ? B 17 ? A 5  ? B 16 ? 
1 A DG 5 1_555 B DC 6  1_555 A DG 6  1_555 B DC 5 1_555 0.542  -1.802 3.236 -1.457 13.271 33.426 -4.603 -1.064 2.350 22.013 2.417 
35.923 5 AA_DG5DG6:DC15DC16_BB  A 5 ? B 16 ? A 6  ? B 15 ? 
1 A DG 6 1_555 B DC 5  1_555 A DG 7  1_555 B DC 4 1_555 0.887  -1.480 2.899 0.512  8.317  30.525 -3.994 -1.548 2.435 15.439 -0.951 
31.615 6 AA_DG6DG7:DC14DC15_BB  A 6 ? B 15 ? A 7  ? B 14 ? 
1 A DG 7 1_555 B DC 4  1_555 A DA 8  1_555 B DT 3 1_555 0.320  -1.326 3.486 -2.185 13.796 30.490 -4.536 -0.910 2.629 24.672 3.907 
33.468 7 AA_DG7DA8:DT13DC14_BB  A 7 ? B 14 ? A 8  ? B 13 ? 
1 A DA 8 1_555 B DT 3  1_555 A DC 9  1_555 B DG 2 1_555 -0.505 -1.629 2.348 7.041  -5.454 37.206 -1.980 1.427  2.423 -8.400 
-10.846 38.221 8 AA_DA8DC9:DG12DT13_BB  A 8 ? B 13 ? A 9  ? B 12 ? 
1 A DC 9 1_555 B DG 2  1_555 A DC 10 1_555 B DG 1 1_555 0.034  -1.065 3.529 1.277  11.194 28.822 -4.217 0.189  2.920 21.481 -2.450 
30.903 9 AA_DC9DC10:DG11DG12_BB A 9 ? B 12 ? A 10 ? B 11 ? 
# 
loop_
_pdbx_entity_nonpoly.entity_id 
_pdbx_entity_nonpoly.name 
_pdbx_entity_nonpoly.comp_id 
3 'MAGNESIUM ION' MG  
4 water           HOH 
# 
_pdbx_initial_refinement_model.id               1 
_pdbx_initial_refinement_model.entity_id_list   ? 
_pdbx_initial_refinement_model.type             'experimental model' 
_pdbx_initial_refinement_model.source_name      PDB 
_pdbx_initial_refinement_model.accession_code   401D 
_pdbx_initial_refinement_model.details          'PDB ENTRY 401D' 
# 
